data_9CSO
# 
_entry.id   9CSO 
# 
_audit_conform.dict_name       mmcif_pdbx.dic 
_audit_conform.dict_version    5.403 
_audit_conform.dict_location   http://mmcif.pdb.org/dictionaries/ascii/mmcif_pdbx.dic 
# 
loop_
_database_2.database_id 
_database_2.database_code 
_database_2.pdbx_database_accession 
_database_2.pdbx_DOI 
PDB   9CSO         pdb_00009cso 10.2210/pdb9cso/pdb 
WWPDB D_1000285478 ?            ?                   
# 
loop_
_pdbx_audit_revision_history.ordinal 
_pdbx_audit_revision_history.data_content_type 
_pdbx_audit_revision_history.major_revision 
_pdbx_audit_revision_history.minor_revision 
_pdbx_audit_revision_history.revision_date 
_pdbx_audit_revision_history.part_number 
1 'Structure model' 1 0 2025-05-14 ? 
2 'Structure model' 1 1 2025-05-28 ? 
# 
_pdbx_audit_revision_details.ordinal             1 
_pdbx_audit_revision_details.revision_ordinal    1 
_pdbx_audit_revision_details.data_content_type   'Structure model' 
_pdbx_audit_revision_details.provider            repository 
_pdbx_audit_revision_details.type                'Initial release' 
_pdbx_audit_revision_details.description         ? 
_pdbx_audit_revision_details.details             ? 
# 
_pdbx_audit_revision_group.ordinal             1 
_pdbx_audit_revision_group.revision_ordinal    2 
_pdbx_audit_revision_group.data_content_type   'Structure model' 
_pdbx_audit_revision_group.group               'Database references' 
# 
loop_
_pdbx_audit_revision_category.ordinal 
_pdbx_audit_revision_category.revision_ordinal 
_pdbx_audit_revision_category.data_content_type 
_pdbx_audit_revision_category.category 
1 2 'Structure model' citation        
2 2 'Structure model' citation_author 
# 
loop_
_pdbx_audit_revision_item.ordinal 
_pdbx_audit_revision_item.revision_ordinal 
_pdbx_audit_revision_item.data_content_type 
_pdbx_audit_revision_item.item 
1  2 'Structure model' '_citation.country'                 
2  2 'Structure model' '_citation.journal_abbrev'          
3  2 'Structure model' '_citation.journal_id_ASTM'         
4  2 'Structure model' '_citation.journal_id_CSD'          
5  2 'Structure model' '_citation.journal_id_ISSN'         
6  2 'Structure model' '_citation.journal_volume'          
7  2 'Structure model' '_citation.page_first'              
8  2 'Structure model' '_citation.page_last'               
9  2 'Structure model' '_citation.pdbx_database_id_DOI'    
10 2 'Structure model' '_citation.pdbx_database_id_PubMed' 
11 2 'Structure model' '_citation.title'                   
12 2 'Structure model' '_citation.year'                    
# 
_pdbx_database_status.status_code                     REL 
_pdbx_database_status.status_code_sf                  REL 
_pdbx_database_status.status_code_mr                  ? 
_pdbx_database_status.entry_id                        9CSO 
_pdbx_database_status.recvd_initial_deposition_date   2024-07-24 
_pdbx_database_status.SG_entry                        N 
_pdbx_database_status.deposit_site                    RCSB 
_pdbx_database_status.process_site                    RCSB 
_pdbx_database_status.status_code_cs                  ? 
_pdbx_database_status.status_code_nmr_data            ? 
_pdbx_database_status.methods_development_category    ? 
_pdbx_database_status.pdb_format_compatible           Y 
# 
_pdbx_contact_author.id                 2 
_pdbx_contact_author.email              jwszostak@uchicago.edu 
_pdbx_contact_author.name_first         Jack 
_pdbx_contact_author.name_last          Szostak 
_pdbx_contact_author.name_mi            W. 
_pdbx_contact_author.role               'principal investigator/group leader' 
_pdbx_contact_author.identifier_ORCID   0000-0003-4131-1203 
# 
loop_
_audit_author.name 
_audit_author.pdbx_ordinal 
_audit_author.identifier_ORCID 
'Fang, Z.'      1 0000-0001-8679-6633 
'Jia, X.'       2 0000-0001-9094-9882 
'Szostak, J.W.' 3 0000-0003-4131-1203 
# 
_citation.abstract                  ? 
_citation.abstract_id_CAS           ? 
_citation.book_id_ISBN              ? 
_citation.book_publisher            ? 
_citation.book_publisher_city       ? 
_citation.book_title                ? 
_citation.coordinate_linkage        ? 
_citation.country                   US 
_citation.database_id_Medline       ? 
_citation.details                   ? 
_citation.id                        primary 
_citation.journal_abbrev            Proc.Natl.Acad.Sci.USA 
_citation.journal_id_ASTM           PNASA6 
_citation.journal_id_CSD            0040 
_citation.journal_id_ISSN           1091-6490 
_citation.journal_full              ? 
_citation.journal_issue             ? 
_citation.journal_volume            122 
_citation.language                  ? 
_citation.page_first                e2505720122 
_citation.page_last                 e2505720122 
_citation.title                     'Nonenzymatic RNA copying with a potentially primordial genetic alphabet.' 
_citation.year                      2025 
_citation.database_id_CSD           ? 
_citation.pdbx_database_id_DOI      10.1073/pnas.2505720122 
_citation.pdbx_database_id_PubMed   40397670 
_citation.pdbx_database_id_patent   ? 
_citation.unpublished_flag          ? 
# 
loop_
_citation_author.citation_id 
_citation_author.name 
_citation_author.ordinal 
_citation_author.identifier_ORCID 
primary 'Fang, Z.'      1 0000-0001-8679-6633 
primary 'Jia, X.'       2 0000-0001-9094-9882 
primary 'Xing, Y.'      3 0000-0002-4549-8370 
primary 'Szostak, J.W.' 4 0000-0003-4131-1203 
# 
loop_
_entity.id 
_entity.type 
_entity.src_method 
_entity.pdbx_description 
_entity.formula_weight 
_entity.pdbx_number_of_molecules 
_entity.pdbx_ec 
_entity.pdbx_mutation 
_entity.pdbx_fragment 
_entity.details 
1 polymer syn 'RNA strand with s(2)C:G pair sequence 1' 5099.128 1  ? ? ? ? 
2 water   nat water                                     18.015   88 ? ? ? ? 
# 
_entity_poly.entity_id                      1 
_entity_poly.type                           polyribonucleotide 
_entity_poly.nstd_linkage                   no 
_entity_poly.nstd_monomer                   yes 
_entity_poly.pdbx_seq_one_letter_code       'AGAGAAGAUCUUCU(RSP)U' 
_entity_poly.pdbx_seq_one_letter_code_can   AGAGAAGAUCUUCUCU 
_entity_poly.pdbx_strand_id                 A 
_entity_poly.pdbx_target_identifier         ? 
# 
_pdbx_entity_nonpoly.entity_id   2 
_pdbx_entity_nonpoly.name        water 
_pdbx_entity_nonpoly.comp_id     HOH 
# 
loop_
_entity_poly_seq.entity_id 
_entity_poly_seq.num 
_entity_poly_seq.mon_id 
_entity_poly_seq.hetero 
1 1  A   n 
1 2  G   n 
1 3  A   n 
1 4  G   n 
1 5  A   n 
1 6  A   n 
1 7  G   n 
1 8  A   n 
1 9  U   n 
1 10 C   n 
1 11 U   n 
1 12 U   n 
1 13 C   n 
1 14 U   n 
1 15 RSP n 
1 16 U   n 
# 
_pdbx_entity_src_syn.entity_id              1 
_pdbx_entity_src_syn.pdbx_src_id            1 
_pdbx_entity_src_syn.pdbx_alt_source_flag   sample 
_pdbx_entity_src_syn.pdbx_beg_seq_num       1 
_pdbx_entity_src_syn.pdbx_end_seq_num       16 
_pdbx_entity_src_syn.organism_scientific    'synthetic construct' 
_pdbx_entity_src_syn.organism_common_name   ? 
_pdbx_entity_src_syn.ncbi_taxonomy_id       32630 
_pdbx_entity_src_syn.details                ? 
# 
loop_
_chem_comp.id 
_chem_comp.type 
_chem_comp.mon_nstd_flag 
_chem_comp.name 
_chem_comp.pdbx_synonyms 
_chem_comp.formula 
_chem_comp.formula_weight 
A   'RNA linking' y "ADENOSINE-5'-MONOPHOSPHATE"                                            ? 'C10 H14 N5 O7 P'  347.221 
C   'RNA linking' y "CYTIDINE-5'-MONOPHOSPHATE"                                             ? 'C9 H14 N3 O8 P'   323.197 
G   'RNA linking' y "GUANOSINE-5'-MONOPHOSPHATE"                                            ? 'C10 H14 N5 O8 P'  363.221 
HOH non-polymer   . WATER                                                                   ? 'H2 O'             18.015  
RSP 'RNA linking' n '4-amino-1-(5-O-phosphono-beta-D-ribofuranosyl)pyrimidine-2(1H)-thione' ? 'C9 H14 N3 O7 P S' 339.262 
U   'RNA linking' y "URIDINE-5'-MONOPHOSPHATE"                                              ? 'C9 H13 N2 O9 P'   324.181 
# 
loop_
_pdbx_poly_seq_scheme.asym_id 
_pdbx_poly_seq_scheme.entity_id 
_pdbx_poly_seq_scheme.seq_id 
_pdbx_poly_seq_scheme.mon_id 
_pdbx_poly_seq_scheme.ndb_seq_num 
_pdbx_poly_seq_scheme.pdb_seq_num 
_pdbx_poly_seq_scheme.auth_seq_num 
_pdbx_poly_seq_scheme.pdb_mon_id 
_pdbx_poly_seq_scheme.auth_mon_id 
_pdbx_poly_seq_scheme.pdb_strand_id 
_pdbx_poly_seq_scheme.pdb_ins_code 
_pdbx_poly_seq_scheme.hetero 
A 1 1  A   1  1  1  A   A   A . n 
A 1 2  G   2  2  2  G   G   A . n 
A 1 3  A   3  3  3  A   A   A . n 
A 1 4  G   4  4  4  G   G   A . n 
A 1 5  A   5  5  5  A   A   A . n 
A 1 6  A   6  6  6  A   A   A . n 
A 1 7  G   7  7  7  G   G   A . n 
A 1 8  A   8  8  8  A   A   A . n 
A 1 9  U   9  9  9  U   U   A . n 
A 1 10 C   10 10 10 C   C   A . n 
A 1 11 U   11 11 11 U   U   A . n 
A 1 12 U   12 12 12 U   U   A . n 
A 1 13 C   13 13 13 C   C   A . n 
A 1 14 U   14 14 14 U   U   A . n 
A 1 15 RSP 15 15 15 RSP RSP A . n 
A 1 16 U   16 16 16 U   U   A . n 
# 
_pdbx_entity_instance_feature.ordinal        1 
_pdbx_entity_instance_feature.comp_id        RSP 
_pdbx_entity_instance_feature.asym_id        ? 
_pdbx_entity_instance_feature.seq_num        ? 
_pdbx_entity_instance_feature.auth_comp_id   RSP 
_pdbx_entity_instance_feature.auth_asym_id   ? 
_pdbx_entity_instance_feature.auth_seq_num   ? 
_pdbx_entity_instance_feature.feature_type   'SUBJECT OF INVESTIGATION' 
_pdbx_entity_instance_feature.details        ? 
# 
loop_
_pdbx_nonpoly_scheme.asym_id 
_pdbx_nonpoly_scheme.entity_id 
_pdbx_nonpoly_scheme.mon_id 
_pdbx_nonpoly_scheme.ndb_seq_num 
_pdbx_nonpoly_scheme.pdb_seq_num 
_pdbx_nonpoly_scheme.auth_seq_num 
_pdbx_nonpoly_scheme.pdb_mon_id 
_pdbx_nonpoly_scheme.auth_mon_id 
_pdbx_nonpoly_scheme.pdb_strand_id 
_pdbx_nonpoly_scheme.pdb_ins_code 
B 2 HOH 1  101 73 HOH HOH A . 
B 2 HOH 2  102 51 HOH HOH A . 
B 2 HOH 3  103 41 HOH HOH A . 
B 2 HOH 4  104 68 HOH HOH A . 
B 2 HOH 5  105 78 HOH HOH A . 
B 2 HOH 6  106 30 HOH HOH A . 
B 2 HOH 7  107 58 HOH HOH A . 
B 2 HOH 8  108 7  HOH HOH A . 
B 2 HOH 9  109 42 HOH HOH A . 
B 2 HOH 10 110 32 HOH HOH A . 
B 2 HOH 11 111 52 HOH HOH A . 
B 2 HOH 12 112 77 HOH HOH A . 
B 2 HOH 13 113 19 HOH HOH A . 
B 2 HOH 14 114 64 HOH HOH A . 
B 2 HOH 15 115 14 HOH HOH A . 
B 2 HOH 16 116 25 HOH HOH A . 
B 2 HOH 17 117 81 HOH HOH A . 
B 2 HOH 18 118 26 HOH HOH A . 
B 2 HOH 19 119 34 HOH HOH A . 
B 2 HOH 20 120 3  HOH HOH A . 
B 2 HOH 21 121 59 HOH HOH A . 
B 2 HOH 22 122 4  HOH HOH A . 
B 2 HOH 23 123 75 HOH HOH A . 
B 2 HOH 24 124 11 HOH HOH A . 
B 2 HOH 25 125 50 HOH HOH A . 
B 2 HOH 26 126 1  HOH HOH A . 
B 2 HOH 27 127 54 HOH HOH A . 
B 2 HOH 28 128 87 HOH HOH A . 
B 2 HOH 29 129 74 HOH HOH A . 
B 2 HOH 30 130 47 HOH HOH A . 
B 2 HOH 31 131 36 HOH HOH A . 
B 2 HOH 32 132 38 HOH HOH A . 
B 2 HOH 33 133 40 HOH HOH A . 
B 2 HOH 34 134 72 HOH HOH A . 
B 2 HOH 35 135 48 HOH HOH A . 
B 2 HOH 36 136 8  HOH HOH A . 
B 2 HOH 37 137 56 HOH HOH A . 
B 2 HOH 38 138 5  HOH HOH A . 
B 2 HOH 39 139 37 HOH HOH A . 
B 2 HOH 40 140 71 HOH HOH A . 
B 2 HOH 41 141 10 HOH HOH A . 
B 2 HOH 42 142 9  HOH HOH A . 
B 2 HOH 43 143 24 HOH HOH A . 
B 2 HOH 44 144 43 HOH HOH A . 
B 2 HOH 45 145 57 HOH HOH A . 
B 2 HOH 46 146 44 HOH HOH A . 
B 2 HOH 47 147 16 HOH HOH A . 
B 2 HOH 48 148 28 HOH HOH A . 
B 2 HOH 49 149 18 HOH HOH A . 
B 2 HOH 50 150 23 HOH HOH A . 
B 2 HOH 51 151 76 HOH HOH A . 
B 2 HOH 52 152 39 HOH HOH A . 
B 2 HOH 53 153 46 HOH HOH A . 
B 2 HOH 54 154 55 HOH HOH A . 
B 2 HOH 55 155 12 HOH HOH A . 
B 2 HOH 56 156 53 HOH HOH A . 
B 2 HOH 57 157 35 HOH HOH A . 
B 2 HOH 58 158 29 HOH HOH A . 
B 2 HOH 59 159 49 HOH HOH A . 
B 2 HOH 60 160 15 HOH HOH A . 
B 2 HOH 61 161 21 HOH HOH A . 
B 2 HOH 62 162 66 HOH HOH A . 
B 2 HOH 63 163 2  HOH HOH A . 
B 2 HOH 64 164 31 HOH HOH A . 
B 2 HOH 65 165 61 HOH HOH A . 
B 2 HOH 66 166 70 HOH HOH A . 
B 2 HOH 67 167 13 HOH HOH A . 
B 2 HOH 68 168 6  HOH HOH A . 
B 2 HOH 69 169 80 HOH HOH A . 
B 2 HOH 70 170 82 HOH HOH A . 
B 2 HOH 71 171 83 HOH HOH A . 
B 2 HOH 72 172 33 HOH HOH A . 
B 2 HOH 73 173 45 HOH HOH A . 
B 2 HOH 74 174 67 HOH HOH A . 
B 2 HOH 75 175 27 HOH HOH A . 
B 2 HOH 76 176 62 HOH HOH A . 
B 2 HOH 77 177 79 HOH HOH A . 
B 2 HOH 78 178 63 HOH HOH A . 
B 2 HOH 79 179 84 HOH HOH A . 
B 2 HOH 80 180 69 HOH HOH A . 
B 2 HOH 81 181 85 HOH HOH A . 
B 2 HOH 82 182 65 HOH HOH A . 
B 2 HOH 83 183 17 HOH HOH A . 
B 2 HOH 84 184 60 HOH HOH A . 
B 2 HOH 85 185 20 HOH HOH A . 
B 2 HOH 86 186 22 HOH HOH A . 
B 2 HOH 87 187 88 HOH HOH A . 
B 2 HOH 88 188 86 HOH HOH A . 
# 
loop_
_software.citation_id 
_software.classification 
_software.compiler_name 
_software.compiler_version 
_software.contact_author 
_software.contact_author_email 
_software.date 
_software.description 
_software.dependencies 
_software.hardware 
_software.language 
_software.location 
_software.mods 
_software.name 
_software.os 
_software.os_version 
_software.type 
_software.version 
_software.pdbx_ordinal 
? refinement       ? ? ? ? ? ? ? ? ? ? ? REFMAC   ? ? ? 5.8.0425    1 
? refinement       ? ? ? ? ? ? ? ? ? ? ? PHENIX   ? ? ? 1.18.2_3874 2 
? 'data reduction' ? ? ? ? ? ? ? ? ? ? ? HKL-2000 ? ? ? .           3 
? 'data scaling'   ? ? ? ? ? ? ? ? ? ? ? HKL-2000 ? ? ? .           4 
? phasing          ? ? ? ? ? ? ? ? ? ? ? PHASER   ? ? ? .           5 
# 
_cell.angle_alpha                  90.000 
_cell.angle_alpha_esd              ? 
_cell.angle_beta                   90.000 
_cell.angle_beta_esd               ? 
_cell.angle_gamma                  120.000 
_cell.angle_gamma_esd              ? 
_cell.entry_id                     9CSO 
_cell.details                      ? 
_cell.formula_units_Z              ? 
_cell.length_a                     41.339 
_cell.length_a_esd                 ? 
_cell.length_b                     41.339 
_cell.length_b_esd                 ? 
_cell.length_c                     124.146 
_cell.length_c_esd                 ? 
_cell.volume                       183731.363 
_cell.volume_esd                   ? 
_cell.Z_PDB                        18 
_cell.reciprocal_angle_alpha       ? 
_cell.reciprocal_angle_beta        ? 
_cell.reciprocal_angle_gamma       ? 
_cell.reciprocal_angle_alpha_esd   ? 
_cell.reciprocal_angle_beta_esd    ? 
_cell.reciprocal_angle_gamma_esd   ? 
_cell.reciprocal_length_a          ? 
_cell.reciprocal_length_b          ? 
_cell.reciprocal_length_c          ? 
_cell.reciprocal_length_a_esd      ? 
_cell.reciprocal_length_b_esd      ? 
_cell.reciprocal_length_c_esd      ? 
_cell.pdbx_unique_axis             ? 
_cell.pdbx_esd_method              ? 
# 
_symmetry.entry_id                         9CSO 
_symmetry.cell_setting                     ? 
_symmetry.Int_Tables_number                155 
_symmetry.space_group_name_Hall            
;R 3 2"
;
_symmetry.space_group_name_H-M             'H 3 2' 
_symmetry.pdbx_full_space_group_name_H-M   ? 
# 
_exptl.absorpt_coefficient_mu     ? 
_exptl.absorpt_correction_T_max   ? 
_exptl.absorpt_correction_T_min   ? 
_exptl.absorpt_correction_type    ? 
_exptl.absorpt_process_details    ? 
_exptl.entry_id                   9CSO 
_exptl.crystals_number            1 
_exptl.details                    ? 
_exptl.method                     'X-RAY DIFFRACTION' 
_exptl.method_details             ? 
# 
_exptl_crystal.colour                       ? 
_exptl_crystal.density_diffrn               ? 
_exptl_crystal.density_Matthews             2.00 
_exptl_crystal.density_method               ? 
_exptl_crystal.density_percent_sol          38.55 
_exptl_crystal.description                  ? 
_exptl_crystal.F_000                        ? 
_exptl_crystal.id                           1 
_exptl_crystal.preparation                  ? 
_exptl_crystal.size_max                     ? 
_exptl_crystal.size_mid                     ? 
_exptl_crystal.size_min                     ? 
_exptl_crystal.size_rad                     ? 
_exptl_crystal.colour_lustre                ? 
_exptl_crystal.colour_modifier              ? 
_exptl_crystal.colour_primary               ? 
_exptl_crystal.density_meas                 ? 
_exptl_crystal.density_meas_esd             ? 
_exptl_crystal.density_meas_gt              ? 
_exptl_crystal.density_meas_lt              ? 
_exptl_crystal.density_meas_temp            ? 
_exptl_crystal.density_meas_temp_esd        ? 
_exptl_crystal.density_meas_temp_gt         ? 
_exptl_crystal.density_meas_temp_lt         ? 
_exptl_crystal.pdbx_crystal_image_url       ? 
_exptl_crystal.pdbx_crystal_image_format    ? 
_exptl_crystal.pdbx_mosaicity               ? 
_exptl_crystal.pdbx_mosaicity_esd           ? 
_exptl_crystal.pdbx_mosaic_method           ? 
_exptl_crystal.pdbx_mosaic_block_size       ? 
_exptl_crystal.pdbx_mosaic_block_size_esd   ? 
# 
_exptl_crystal_grow.apparatus       ? 
_exptl_crystal_grow.atmosphere      ? 
_exptl_crystal_grow.crystal_id      1 
_exptl_crystal_grow.details         ? 
_exptl_crystal_grow.method          'VAPOR DIFFUSION, HANGING DROP' 
_exptl_crystal_grow.method_ref      ? 
_exptl_crystal_grow.pH              7.5 
_exptl_crystal_grow.pressure        ? 
_exptl_crystal_grow.pressure_esd    ? 
_exptl_crystal_grow.seeding         ? 
_exptl_crystal_grow.seeding_ref     ? 
_exptl_crystal_grow.temp_details    ? 
_exptl_crystal_grow.temp_esd        ? 
_exptl_crystal_grow.time            ? 
_exptl_crystal_grow.pdbx_details    '1.4 M Sodium citrate tribasic dihydrate, 0.1 M HEPES pH 7.5' 
_exptl_crystal_grow.pdbx_pH_range   ? 
_exptl_crystal_grow.temp            293 
# 
_diffrn.ambient_environment              ? 
_diffrn.ambient_temp                     99 
_diffrn.ambient_temp_details             ? 
_diffrn.ambient_temp_esd                 ? 
_diffrn.crystal_id                       1 
_diffrn.crystal_support                  ? 
_diffrn.crystal_treatment                ? 
_diffrn.details                          ? 
_diffrn.id                               1 
_diffrn.ambient_pressure                 ? 
_diffrn.ambient_pressure_esd             ? 
_diffrn.ambient_pressure_gt              ? 
_diffrn.ambient_pressure_lt              ? 
_diffrn.ambient_temp_gt                  ? 
_diffrn.ambient_temp_lt                  ? 
_diffrn.pdbx_serial_crystal_experiment   N 
# 
_diffrn_detector.details                      ? 
_diffrn_detector.detector                     PIXEL 
_diffrn_detector.diffrn_id                    1 
_diffrn_detector.type                         'DECTRIS EIGER2 S 9M' 
_diffrn_detector.area_resol_mean              ? 
_diffrn_detector.dtime                        ? 
_diffrn_detector.pdbx_frames_total            ? 
_diffrn_detector.pdbx_collection_time_total   ? 
_diffrn_detector.pdbx_collection_date         2024-04-14 
_diffrn_detector.pdbx_frequency               ? 
_diffrn_detector.id                           ? 
_diffrn_detector.number_of_axes               ? 
# 
_diffrn_radiation.collimation                      ? 
_diffrn_radiation.diffrn_id                        1 
_diffrn_radiation.filter_edge                      ? 
_diffrn_radiation.inhomogeneity                    ? 
_diffrn_radiation.monochromator                    ? 
_diffrn_radiation.polarisn_norm                    ? 
_diffrn_radiation.polarisn_ratio                   ? 
_diffrn_radiation.probe                            ? 
_diffrn_radiation.type                             ? 
_diffrn_radiation.xray_symbol                      ? 
_diffrn_radiation.wavelength_id                    1 
_diffrn_radiation.pdbx_monochromatic_or_laue_m_l   M 
_diffrn_radiation.pdbx_wavelength_list             ? 
_diffrn_radiation.pdbx_wavelength                  ? 
_diffrn_radiation.pdbx_diffrn_protocol             'SINGLE WAVELENGTH' 
_diffrn_radiation.pdbx_analyzer                    ? 
_diffrn_radiation.pdbx_scattering_type             x-ray 
# 
_diffrn_radiation_wavelength.id           1 
_diffrn_radiation_wavelength.wavelength   1.000026 
_diffrn_radiation_wavelength.wt           1.0 
# 
_diffrn_source.current                     ? 
_diffrn_source.details                     ? 
_diffrn_source.diffrn_id                   1 
_diffrn_source.power                       ? 
_diffrn_source.size                        ? 
_diffrn_source.source                      SYNCHROTRON 
_diffrn_source.target                      ? 
_diffrn_source.type                        'ALS BEAMLINE 8.2.1' 
_diffrn_source.voltage                     ? 
_diffrn_source.take-off_angle              ? 
_diffrn_source.pdbx_wavelength_list        1.000026 
_diffrn_source.pdbx_wavelength             ? 
_diffrn_source.pdbx_synchrotron_beamline   8.2.1 
_diffrn_source.pdbx_synchrotron_site       ALS 
# 
_reflns.B_iso_Wilson_estimate                          12.21 
_reflns.entry_id                                       9CSO 
_reflns.data_reduction_details                         ? 
_reflns.data_reduction_method                          ? 
_reflns.d_resolution_high                              1.40 
_reflns.d_resolution_low                               50 
_reflns.details                                        ? 
_reflns.limit_h_max                                    ? 
_reflns.limit_h_min                                    ? 
_reflns.limit_k_max                                    ? 
_reflns.limit_k_min                                    ? 
_reflns.limit_l_max                                    ? 
_reflns.limit_l_min                                    ? 
_reflns.number_all                                     ? 
_reflns.number_obs                                     8355 
_reflns.observed_criterion                             ? 
_reflns.observed_criterion_F_max                       ? 
_reflns.observed_criterion_F_min                       ? 
_reflns.observed_criterion_I_max                       ? 
_reflns.observed_criterion_I_min                       ? 
_reflns.observed_criterion_sigma_F                     ? 
_reflns.observed_criterion_sigma_I                     ? 
_reflns.percent_possible_obs                           99.1 
_reflns.R_free_details                                 ? 
_reflns.Rmerge_F_all                                   ? 
_reflns.Rmerge_F_obs                                   ? 
_reflns.Friedel_coverage                               ? 
_reflns.number_gt                                      ? 
_reflns.threshold_expression                           ? 
_reflns.pdbx_redundancy                                8.6 
_reflns.pdbx_netI_over_av_sigmaI                       ? 
_reflns.pdbx_netI_over_sigmaI                          23.4 
_reflns.pdbx_res_netI_over_av_sigmaI_2                 ? 
_reflns.pdbx_res_netI_over_sigmaI_2                    ? 
_reflns.pdbx_chi_squared                               0.922 
_reflns.pdbx_scaling_rejects                           ? 
_reflns.pdbx_d_res_high_opt                            ? 
_reflns.pdbx_d_res_low_opt                             ? 
_reflns.pdbx_d_res_opt_method                          ? 
_reflns.phase_calculation_details                      ? 
_reflns.pdbx_Rrim_I_all                                0.051 
_reflns.pdbx_Rpim_I_all                                0.018 
_reflns.pdbx_d_opt                                     ? 
_reflns.pdbx_number_measured_all                       ? 
_reflns.pdbx_diffrn_id                                 1 
_reflns.pdbx_ordinal                                   1 
_reflns.pdbx_CC_half                                   0.991 
_reflns.pdbx_CC_star                                   0.998 
_reflns.pdbx_R_split                                   ? 
_reflns.pdbx_Rmerge_I_obs                              0.048 
_reflns.pdbx_Rmerge_I_all                              ? 
_reflns.pdbx_Rsym_value                                ? 
_reflns.pdbx_CC_split_method                           ? 
_reflns.pdbx_aniso_diffraction_limit_axis_1_ortho[1]   ? 
_reflns.pdbx_aniso_diffraction_limit_axis_1_ortho[2]   ? 
_reflns.pdbx_aniso_diffraction_limit_axis_1_ortho[3]   ? 
_reflns.pdbx_aniso_diffraction_limit_axis_2_ortho[1]   ? 
_reflns.pdbx_aniso_diffraction_limit_axis_2_ortho[2]   ? 
_reflns.pdbx_aniso_diffraction_limit_axis_2_ortho[3]   ? 
_reflns.pdbx_aniso_diffraction_limit_axis_3_ortho[1]   ? 
_reflns.pdbx_aniso_diffraction_limit_axis_3_ortho[2]   ? 
_reflns.pdbx_aniso_diffraction_limit_axis_3_ortho[3]   ? 
_reflns.pdbx_aniso_diffraction_limit_1                 ? 
_reflns.pdbx_aniso_diffraction_limit_2                 ? 
_reflns.pdbx_aniso_diffraction_limit_3                 ? 
_reflns.pdbx_aniso_B_tensor_eigenvector_1_ortho[1]     ? 
_reflns.pdbx_aniso_B_tensor_eigenvector_1_ortho[2]     ? 
_reflns.pdbx_aniso_B_tensor_eigenvector_1_ortho[3]     ? 
_reflns.pdbx_aniso_B_tensor_eigenvector_2_ortho[1]     ? 
_reflns.pdbx_aniso_B_tensor_eigenvector_2_ortho[2]     ? 
_reflns.pdbx_aniso_B_tensor_eigenvector_2_ortho[3]     ? 
_reflns.pdbx_aniso_B_tensor_eigenvector_3_ortho[1]     ? 
_reflns.pdbx_aniso_B_tensor_eigenvector_3_ortho[2]     ? 
_reflns.pdbx_aniso_B_tensor_eigenvector_3_ortho[3]     ? 
_reflns.pdbx_aniso_B_tensor_eigenvalue_1               ? 
_reflns.pdbx_aniso_B_tensor_eigenvalue_2               ? 
_reflns.pdbx_aniso_B_tensor_eigenvalue_3               ? 
_reflns.pdbx_orthogonalization_convention              ? 
_reflns.pdbx_percent_possible_ellipsoidal              ? 
_reflns.pdbx_percent_possible_spherical                ? 
_reflns.pdbx_percent_possible_ellipsoidal_anomalous    ? 
_reflns.pdbx_percent_possible_spherical_anomalous      ? 
_reflns.pdbx_redundancy_anomalous                      ? 
_reflns.pdbx_CC_half_anomalous                         ? 
_reflns.pdbx_absDiff_over_sigma_anomalous              ? 
_reflns.pdbx_percent_possible_anomalous                ? 
_reflns.pdbx_observed_signal_threshold                 ? 
_reflns.pdbx_signal_type                               ? 
_reflns.pdbx_signal_details                            ? 
_reflns.pdbx_signal_software_id                        ? 
# 
_reflns_shell.d_res_high                                    1.40 
_reflns_shell.d_res_low                                     1.42 
_reflns_shell.meanI_over_sigI_all                           ? 
_reflns_shell.meanI_over_sigI_obs                           3.7 
_reflns_shell.number_measured_all                           ? 
_reflns_shell.number_measured_obs                           ? 
_reflns_shell.number_possible                               ? 
_reflns_shell.number_unique_all                             ? 
_reflns_shell.number_unique_obs                             389 
_reflns_shell.percent_possible_obs                          ? 
_reflns_shell.Rmerge_F_all                                  ? 
_reflns_shell.Rmerge_F_obs                                  ? 
_reflns_shell.meanI_over_sigI_gt                            ? 
_reflns_shell.meanI_over_uI_all                             ? 
_reflns_shell.meanI_over_uI_gt                              ? 
_reflns_shell.number_measured_gt                            ? 
_reflns_shell.number_unique_gt                              ? 
_reflns_shell.percent_possible_gt                           ? 
_reflns_shell.Rmerge_F_gt                                   ? 
_reflns_shell.Rmerge_I_gt                                   ? 
_reflns_shell.pdbx_redundancy                               6.7 
_reflns_shell.pdbx_chi_squared                              0.652 
_reflns_shell.pdbx_netI_over_sigmaI_all                     ? 
_reflns_shell.pdbx_netI_over_sigmaI_obs                     ? 
_reflns_shell.pdbx_Rrim_I_all                               0.548 
_reflns_shell.pdbx_Rpim_I_all                               0.209 
_reflns_shell.pdbx_rejects                                  ? 
_reflns_shell.pdbx_ordinal                                  1 
_reflns_shell.pdbx_diffrn_id                                1 
_reflns_shell.pdbx_CC_half                                  0.917 
_reflns_shell.pdbx_CC_star                                  0.978 
_reflns_shell.pdbx_R_split                                  ? 
_reflns_shell.percent_possible_all                          95.6 
_reflns_shell.Rmerge_I_all                                  ? 
_reflns_shell.Rmerge_I_obs                                  0.504 
_reflns_shell.pdbx_Rsym_value                               ? 
_reflns_shell.pdbx_percent_possible_ellipsoidal             ? 
_reflns_shell.pdbx_percent_possible_spherical               ? 
_reflns_shell.pdbx_percent_possible_ellipsoidal_anomalous   ? 
_reflns_shell.pdbx_percent_possible_spherical_anomalous     ? 
_reflns_shell.pdbx_redundancy_anomalous                     ? 
_reflns_shell.pdbx_CC_half_anomalous                        ? 
_reflns_shell.pdbx_absDiff_over_sigma_anomalous             ? 
_reflns_shell.pdbx_percent_possible_anomalous               ? 
# 
_refine.aniso_B[1][1]                            ? 
_refine.aniso_B[1][2]                            ? 
_refine.aniso_B[1][3]                            ? 
_refine.aniso_B[2][2]                            ? 
_refine.aniso_B[2][3]                            ? 
_refine.aniso_B[3][3]                            ? 
_refine.B_iso_max                                ? 
_refine.B_iso_mean                               16.33 
_refine.B_iso_min                                ? 
_refine.correlation_coeff_Fo_to_Fc               ? 
_refine.correlation_coeff_Fo_to_Fc_free          ? 
_refine.details                                  ? 
_refine.diff_density_max                         ? 
_refine.diff_density_max_esd                     ? 
_refine.diff_density_min                         ? 
_refine.diff_density_min_esd                     ? 
_refine.diff_density_rms                         ? 
_refine.diff_density_rms_esd                     ? 
_refine.entry_id                                 9CSO 
_refine.pdbx_refine_id                           'X-RAY DIFFRACTION' 
_refine.ls_abs_structure_details                 ? 
_refine.ls_abs_structure_Flack                   ? 
_refine.ls_abs_structure_Flack_esd               ? 
_refine.ls_abs_structure_Rogers                  ? 
_refine.ls_abs_structure_Rogers_esd              ? 
_refine.ls_d_res_high                            1.40 
_refine.ls_d_res_low                             31.01 
_refine.ls_extinction_coef                       ? 
_refine.ls_extinction_coef_esd                   ? 
_refine.ls_extinction_expression                 ? 
_refine.ls_extinction_method                     ? 
_refine.ls_goodness_of_fit_all                   ? 
_refine.ls_goodness_of_fit_all_esd               ? 
_refine.ls_goodness_of_fit_obs                   ? 
_refine.ls_goodness_of_fit_obs_esd               ? 
_refine.ls_hydrogen_treatment                    ? 
_refine.ls_matrix_type                           ? 
_refine.ls_number_constraints                    ? 
_refine.ls_number_parameters                     ? 
_refine.ls_number_reflns_all                     ? 
_refine.ls_number_reflns_obs                     8258 
_refine.ls_number_reflns_R_free                  429 
_refine.ls_number_reflns_R_work                  7829 
_refine.ls_number_restraints                     ? 
_refine.ls_percent_reflns_obs                    98.03 
_refine.ls_percent_reflns_R_free                 5.19 
_refine.ls_R_factor_all                          ? 
_refine.ls_R_factor_obs                          0.1909 
_refine.ls_R_factor_R_free                       0.2241 
_refine.ls_R_factor_R_free_error                 ? 
_refine.ls_R_factor_R_free_error_details         ? 
_refine.ls_R_factor_R_work                       0.1890 
_refine.ls_R_Fsqd_factor_obs                     ? 
_refine.ls_R_I_factor_obs                        ? 
_refine.ls_redundancy_reflns_all                 ? 
_refine.ls_redundancy_reflns_obs                 ? 
_refine.ls_restrained_S_all                      ? 
_refine.ls_restrained_S_obs                      ? 
_refine.ls_shift_over_esd_max                    ? 
_refine.ls_shift_over_esd_mean                   ? 
_refine.ls_structure_factor_coef                 ? 
_refine.ls_weighting_details                     ? 
_refine.ls_weighting_scheme                      ? 
_refine.ls_wR_factor_all                         ? 
_refine.ls_wR_factor_obs                         ? 
_refine.ls_wR_factor_R_free                      ? 
_refine.ls_wR_factor_R_work                      ? 
_refine.occupancy_max                            ? 
_refine.occupancy_min                            ? 
_refine.solvent_model_details                    'FLAT BULK SOLVENT MODEL' 
_refine.solvent_model_param_bsol                 ? 
_refine.solvent_model_param_ksol                 ? 
_refine.pdbx_R_complete                          ? 
_refine.ls_R_factor_gt                           ? 
_refine.ls_goodness_of_fit_gt                    ? 
_refine.ls_goodness_of_fit_ref                   ? 
_refine.ls_shift_over_su_max                     ? 
_refine.ls_shift_over_su_max_lt                  ? 
_refine.ls_shift_over_su_mean                    ? 
_refine.ls_shift_over_su_mean_lt                 ? 
_refine.pdbx_ls_sigma_I                          ? 
_refine.pdbx_ls_sigma_F                          1.38 
_refine.pdbx_ls_sigma_Fsqd                       ? 
_refine.pdbx_data_cutoff_high_absF               ? 
_refine.pdbx_data_cutoff_high_rms_absF           ? 
_refine.pdbx_data_cutoff_low_absF                ? 
_refine.pdbx_isotropic_thermal_model             ? 
_refine.pdbx_ls_cross_valid_method               'FREE R-VALUE' 
_refine.pdbx_method_to_determine_struct          'MOLECULAR REPLACEMENT' 
_refine.pdbx_starting_model                      ? 
_refine.pdbx_stereochemistry_target_values       'GeoStd + Monomer Library + CDL v1.2' 
_refine.pdbx_R_Free_selection_details            ? 
_refine.pdbx_stereochem_target_val_spec_case     ? 
_refine.pdbx_overall_ESU_R                       ? 
_refine.pdbx_overall_ESU_R_Free                  ? 
_refine.pdbx_solvent_vdw_probe_radii             1.1100 
_refine.pdbx_solvent_ion_probe_radii             ? 
_refine.pdbx_solvent_shrinkage_radii             0.9000 
_refine.pdbx_real_space_R                        ? 
_refine.pdbx_density_correlation                 ? 
_refine.pdbx_pd_number_of_powder_patterns        ? 
_refine.pdbx_pd_number_of_points                 ? 
_refine.pdbx_pd_meas_number_of_points            ? 
_refine.pdbx_pd_proc_ls_prof_R_factor            ? 
_refine.pdbx_pd_proc_ls_prof_wR_factor           ? 
_refine.pdbx_pd_Marquardt_correlation_coeff      ? 
_refine.pdbx_pd_Fsqrd_R_factor                   ? 
_refine.pdbx_pd_ls_matrix_band_width             ? 
_refine.pdbx_overall_phase_error                 24.3018 
_refine.pdbx_overall_SU_R_free_Cruickshank_DPI   ? 
_refine.pdbx_overall_SU_R_free_Blow_DPI          ? 
_refine.pdbx_overall_SU_R_Blow_DPI               ? 
_refine.pdbx_TLS_residual_ADP_flag               ? 
_refine.pdbx_diffrn_id                           1 
_refine.overall_SU_B                             ? 
_refine.overall_SU_ML                            0.1525 
_refine.overall_SU_R_Cruickshank_DPI             ? 
_refine.overall_SU_R_free                        ? 
_refine.overall_FOM_free_R_set                   ? 
_refine.overall_FOM_work_R_set                   ? 
_refine.pdbx_average_fsc_overall                 ? 
_refine.pdbx_average_fsc_work                    ? 
_refine.pdbx_average_fsc_free                    ? 
# 
_refine_hist.pdbx_refine_id                   'X-RAY DIFFRACTION' 
_refine_hist.cycle_id                         LAST 
_refine_hist.details                          ? 
_refine_hist.d_res_high                       1.40 
_refine_hist.d_res_low                        31.01 
_refine_hist.number_atoms_solvent             88 
_refine_hist.number_atoms_total               424 
_refine_hist.number_reflns_all                ? 
_refine_hist.number_reflns_obs                ? 
_refine_hist.number_reflns_R_free             ? 
_refine_hist.number_reflns_R_work             ? 
_refine_hist.R_factor_all                     ? 
_refine_hist.R_factor_obs                     ? 
_refine_hist.R_factor_R_free                  ? 
_refine_hist.R_factor_R_work                  ? 
_refine_hist.pdbx_number_residues_total       ? 
_refine_hist.pdbx_B_iso_mean_ligand           ? 
_refine_hist.pdbx_B_iso_mean_solvent          ? 
_refine_hist.pdbx_number_atoms_protein        0 
_refine_hist.pdbx_number_atoms_nucleic_acid   336 
_refine_hist.pdbx_number_atoms_ligand         0 
_refine_hist.pdbx_number_atoms_lipid          ? 
_refine_hist.pdbx_number_atoms_carb           ? 
_refine_hist.pdbx_pseudo_atom_details         ? 
# 
loop_
_refine_ls_restr.pdbx_refine_id 
_refine_ls_restr.criterion 
_refine_ls_restr.dev_ideal 
_refine_ls_restr.dev_ideal_target 
_refine_ls_restr.number 
_refine_ls_restr.rejects 
_refine_ls_restr.type 
_refine_ls_restr.weight 
_refine_ls_restr.pdbx_restraint_function 
'X-RAY DIFFRACTION' ? 0.0199 ? 375 ? f_bond_d           ? ? 
'X-RAY DIFFRACTION' ? 2.0671 ? 582 ? f_angle_d          ? ? 
'X-RAY DIFFRACTION' ? 0.0746 ? 78  ? f_chiral_restr     ? ? 
'X-RAY DIFFRACTION' ? 0.0243 ? 16  ? f_plane_restr      ? ? 
'X-RAY DIFFRACTION' ? 7.7957 ? 181 ? f_dihedral_angle_d ? ? 
# 
loop_
_refine_ls_shell.pdbx_refine_id 
_refine_ls_shell.d_res_high 
_refine_ls_shell.d_res_low 
_refine_ls_shell.number_reflns_all 
_refine_ls_shell.number_reflns_obs 
_refine_ls_shell.number_reflns_R_free 
_refine_ls_shell.number_reflns_R_work 
_refine_ls_shell.percent_reflns_obs 
_refine_ls_shell.percent_reflns_R_free 
_refine_ls_shell.R_factor_all 
_refine_ls_shell.R_factor_obs 
_refine_ls_shell.R_factor_R_free_error 
_refine_ls_shell.R_factor_R_work 
_refine_ls_shell.redundancy_reflns_all 
_refine_ls_shell.redundancy_reflns_obs 
_refine_ls_shell.wR_factor_all 
_refine_ls_shell.wR_factor_obs 
_refine_ls_shell.wR_factor_R_free 
_refine_ls_shell.wR_factor_R_work 
_refine_ls_shell.pdbx_R_complete 
_refine_ls_shell.pdbx_total_number_of_bins_used 
_refine_ls_shell.pdbx_phase_error 
_refine_ls_shell.pdbx_fsc_work 
_refine_ls_shell.pdbx_fsc_free 
_refine_ls_shell.R_factor_R_free 
'X-RAY DIFFRACTION' 1.40 1.60  . . 148 2517 96.66 . . . . 0.2085 . . . . . . . . . . . 0.2707 
'X-RAY DIFFRACTION' 1.60 2.02  . . 135 2605 98.95 . . . . 0.2066 . . . . . . . . . . . 0.2447 
'X-RAY DIFFRACTION' 2.02 31.01 . . 146 2707 98.45 . . . . 0.1773 . . . . . . . . . . . 0.2042 
# 
_struct.entry_id                     9CSO 
_struct.title                        '16mer self-complementary duplex RNA with s(2)C:G pair sequence 1' 
_struct.pdbx_model_details           ? 
_struct.pdbx_formula_weight          ? 
_struct.pdbx_formula_weight_method   ? 
_struct.pdbx_model_type_details      ? 
_struct.pdbx_CASP_flag               N 
# 
_struct_keywords.entry_id        9CSO 
_struct_keywords.text            '2-Thiocytidine, Nucleobase modification, Non-canonical Base Pair, RNA, Orgin of Life' 
_struct_keywords.pdbx_keywords   RNA 
# 
loop_
_struct_asym.id 
_struct_asym.pdbx_blank_PDB_chainid_flag 
_struct_asym.pdbx_modified 
_struct_asym.entity_id 
_struct_asym.details 
A N N 1 ? 
B N N 2 ? 
# 
_struct_ref.id                         1 
_struct_ref.db_name                    PDB 
_struct_ref.db_code                    9CSO 
_struct_ref.pdbx_db_accession          9CSO 
_struct_ref.pdbx_db_isoform            ? 
_struct_ref.entity_id                  1 
_struct_ref.pdbx_seq_one_letter_code   ? 
_struct_ref.pdbx_align_begin           1 
# 
_struct_ref_seq.align_id                      1 
_struct_ref_seq.ref_id                        1 
_struct_ref_seq.pdbx_PDB_id_code              9CSO 
_struct_ref_seq.pdbx_strand_id                A 
_struct_ref_seq.seq_align_beg                 1 
_struct_ref_seq.pdbx_seq_align_beg_ins_code   ? 
_struct_ref_seq.seq_align_end                 16 
_struct_ref_seq.pdbx_seq_align_end_ins_code   ? 
_struct_ref_seq.pdbx_db_accession             9CSO 
_struct_ref_seq.db_align_beg                  1 
_struct_ref_seq.pdbx_db_align_beg_ins_code    ? 
_struct_ref_seq.db_align_end                  16 
_struct_ref_seq.pdbx_db_align_end_ins_code    ? 
_struct_ref_seq.pdbx_auth_seq_align_beg       1 
_struct_ref_seq.pdbx_auth_seq_align_end       16 
# 
_pdbx_struct_assembly.id                   1 
_pdbx_struct_assembly.details              author_and_software_defined_assembly 
_pdbx_struct_assembly.method_details       PISA 
_pdbx_struct_assembly.oligomeric_details   dimeric 
_pdbx_struct_assembly.oligomeric_count     2 
# 
loop_
_pdbx_struct_assembly_prop.biol_id 
_pdbx_struct_assembly_prop.type 
_pdbx_struct_assembly_prop.value 
_pdbx_struct_assembly_prop.details 
1 'ABSA (A^2)' 1460 ? 
1 MORE         -6   ? 
1 'SSA (A^2)'  5840 ? 
# 
_pdbx_struct_assembly_gen.assembly_id       1 
_pdbx_struct_assembly_gen.oper_expression   1,2 
_pdbx_struct_assembly_gen.asym_id_list      A,B 
# 
loop_
_pdbx_struct_oper_list.id 
_pdbx_struct_oper_list.type 
_pdbx_struct_oper_list.name 
_pdbx_struct_oper_list.symmetry_operation 
_pdbx_struct_oper_list.matrix[1][1] 
_pdbx_struct_oper_list.matrix[1][2] 
_pdbx_struct_oper_list.matrix[1][3] 
_pdbx_struct_oper_list.vector[1] 
_pdbx_struct_oper_list.matrix[2][1] 
_pdbx_struct_oper_list.matrix[2][2] 
_pdbx_struct_oper_list.matrix[2][3] 
_pdbx_struct_oper_list.vector[2] 
_pdbx_struct_oper_list.matrix[3][1] 
_pdbx_struct_oper_list.matrix[3][2] 
_pdbx_struct_oper_list.matrix[3][3] 
_pdbx_struct_oper_list.vector[3] 
1 'identity operation'         1_555 x,y,z      1.0000000000 0.0000000000  0.0000000000 0.0000000000 0.0000000000  1.0000000000  0.0000000000  0.0000000000 0.0000000000 0.0000000000  1.0000000000  0.0000000000 
2 'crystal symmetry operation' 6_555 -x,-x+y,-z 0.3241793730 -0.6011456107 0.7304325355 0.6872312786 -0.6011456107 -0.7270943404 -0.3315988163 3.4069490899 0.7304325355 -0.3315988163 -0.5970850326 1.5580562923 
# 
loop_
_struct_conn.id 
_struct_conn.conn_type_id 
_struct_conn.pdbx_leaving_atom_flag 
_struct_conn.pdbx_PDB_id 
_struct_conn.ptnr1_label_asym_id 
_struct_conn.ptnr1_label_comp_id 
_struct_conn.ptnr1_label_seq_id 
_struct_conn.ptnr1_label_atom_id 
_struct_conn.pdbx_ptnr1_label_alt_id 
_struct_conn.pdbx_ptnr1_PDB_ins_code 
_struct_conn.pdbx_ptnr1_standard_comp_id 
_struct_conn.ptnr1_symmetry 
_struct_conn.ptnr2_label_asym_id 
_struct_conn.ptnr2_label_comp_id 
_struct_conn.ptnr2_label_seq_id 
_struct_conn.ptnr2_label_atom_id 
_struct_conn.pdbx_ptnr2_label_alt_id 
_struct_conn.pdbx_ptnr2_PDB_ins_code 
_struct_conn.ptnr1_auth_asym_id 
_struct_conn.ptnr1_auth_comp_id 
_struct_conn.ptnr1_auth_seq_id 
_struct_conn.ptnr2_auth_asym_id 
_struct_conn.ptnr2_auth_comp_id 
_struct_conn.ptnr2_auth_seq_id 
_struct_conn.ptnr2_symmetry 
_struct_conn.pdbx_ptnr3_label_atom_id 
_struct_conn.pdbx_ptnr3_label_seq_id 
_struct_conn.pdbx_ptnr3_label_comp_id 
_struct_conn.pdbx_ptnr3_label_asym_id 
_struct_conn.pdbx_ptnr3_label_alt_id 
_struct_conn.pdbx_ptnr3_PDB_ins_code 
_struct_conn.details 
_struct_conn.pdbx_dist_value 
_struct_conn.pdbx_value_order 
_struct_conn.pdbx_role 
covale1  covale both ? A U   14 "O3'" ? ? ? 1_555 A RSP 15 P  ? ? A U   14 A RSP 15 1_555 ? ? ? ? ? ? ?               1.574 ? ? 
covale2  covale both ? A RSP 15 "O3'" ? ? ? 1_555 A U   16 P  ? ? A RSP 15 A U   16 1_555 ? ? ? ? ? ? ?               1.571 ? ? 
hydrog1  hydrog ?    ? A A   1  N1    ? ? ? 1_555 A U   16 N3 ? ? A A   1  A U   16 6_555 ? ? ? ? ? ? WATSON-CRICK    ?     ? ? 
hydrog2  hydrog ?    ? A A   1  N6    ? ? ? 1_555 A U   16 O4 ? ? A A   1  A U   16 6_555 ? ? ? ? ? ? WATSON-CRICK    ?     ? ? 
hydrog3  hydrog ?    ? A G   2  O6    ? ? ? 1_555 A RSP 15 N4 ? ? A G   2  A RSP 15 6_555 ? ? ? ? ? ? 'G-RSP MISPAIR' ?     ? ? 
hydrog4  hydrog ?    ? A A   3  N1    ? ? ? 1_555 A U   14 N3 ? ? A A   3  A U   14 6_555 ? ? ? ? ? ? WATSON-CRICK    ?     ? ? 
hydrog5  hydrog ?    ? A A   3  N6    ? ? ? 1_555 A U   14 O4 ? ? A A   3  A U   14 6_555 ? ? ? ? ? ? WATSON-CRICK    ?     ? ? 
hydrog6  hydrog ?    ? A G   4  N1    ? ? ? 1_555 A C   13 N3 ? ? A G   4  A C   13 6_555 ? ? ? ? ? ? WATSON-CRICK    ?     ? ? 
hydrog7  hydrog ?    ? A G   4  N2    ? ? ? 1_555 A C   13 O2 ? ? A G   4  A C   13 6_555 ? ? ? ? ? ? WATSON-CRICK    ?     ? ? 
hydrog8  hydrog ?    ? A G   4  O6    ? ? ? 1_555 A C   13 N4 ? ? A G   4  A C   13 6_555 ? ? ? ? ? ? WATSON-CRICK    ?     ? ? 
hydrog9  hydrog ?    ? A A   5  N1    ? ? ? 1_555 A U   12 N3 ? ? A A   5  A U   12 6_555 ? ? ? ? ? ? WATSON-CRICK    ?     ? ? 
hydrog10 hydrog ?    ? A A   5  N6    ? ? ? 1_555 A U   12 O4 ? ? A A   5  A U   12 6_555 ? ? ? ? ? ? WATSON-CRICK    ?     ? ? 
hydrog11 hydrog ?    ? A A   6  N1    ? ? ? 1_555 A U   11 N3 ? ? A A   6  A U   11 6_555 ? ? ? ? ? ? WATSON-CRICK    ?     ? ? 
hydrog12 hydrog ?    ? A A   6  N6    ? ? ? 1_555 A U   11 O4 ? ? A A   6  A U   11 6_555 ? ? ? ? ? ? WATSON-CRICK    ?     ? ? 
hydrog13 hydrog ?    ? A G   7  N1    ? ? ? 1_555 A C   10 N3 ? ? A G   7  A C   10 6_555 ? ? ? ? ? ? WATSON-CRICK    ?     ? ? 
hydrog14 hydrog ?    ? A G   7  N2    ? ? ? 1_555 A C   10 O2 ? ? A G   7  A C   10 6_555 ? ? ? ? ? ? WATSON-CRICK    ?     ? ? 
hydrog15 hydrog ?    ? A G   7  O6    ? ? ? 1_555 A C   10 N4 ? ? A G   7  A C   10 6_555 ? ? ? ? ? ? WATSON-CRICK    ?     ? ? 
hydrog16 hydrog ?    ? A A   8  N1    ? ? ? 1_555 A U   9  N3 ? ? A A   8  A U   9  6_555 ? ? ? ? ? ? WATSON-CRICK    ?     ? ? 
hydrog17 hydrog ?    ? A A   8  N6    ? ? ? 1_555 A U   9  O4 ? ? A A   8  A U   9  6_555 ? ? ? ? ? ? WATSON-CRICK    ?     ? ? 
hydrog18 hydrog ?    ? A U   9  N3    ? ? ? 1_555 A A   8  N1 ? ? A U   9  A A   8  6_555 ? ? ? ? ? ? WATSON-CRICK    ?     ? ? 
hydrog19 hydrog ?    ? A U   9  O4    ? ? ? 1_555 A A   8  N6 ? ? A U   9  A A   8  6_555 ? ? ? ? ? ? WATSON-CRICK    ?     ? ? 
hydrog20 hydrog ?    ? A C   10 N3    ? ? ? 1_555 A G   7  N1 ? ? A C   10 A G   7  6_555 ? ? ? ? ? ? WATSON-CRICK    ?     ? ? 
hydrog21 hydrog ?    ? A C   10 N4    ? ? ? 1_555 A G   7  O6 ? ? A C   10 A G   7  6_555 ? ? ? ? ? ? WATSON-CRICK    ?     ? ? 
hydrog22 hydrog ?    ? A C   10 O2    ? ? ? 1_555 A G   7  N2 ? ? A C   10 A G   7  6_555 ? ? ? ? ? ? WATSON-CRICK    ?     ? ? 
hydrog23 hydrog ?    ? A U   11 N3    ? ? ? 1_555 A A   6  N1 ? ? A U   11 A A   6  6_555 ? ? ? ? ? ? WATSON-CRICK    ?     ? ? 
hydrog24 hydrog ?    ? A U   11 O4    ? ? ? 1_555 A A   6  N6 ? ? A U   11 A A   6  6_555 ? ? ? ? ? ? WATSON-CRICK    ?     ? ? 
hydrog25 hydrog ?    ? A U   12 N3    ? ? ? 1_555 A A   5  N1 ? ? A U   12 A A   5  6_555 ? ? ? ? ? ? WATSON-CRICK    ?     ? ? 
hydrog26 hydrog ?    ? A U   12 O4    ? ? ? 1_555 A A   5  N6 ? ? A U   12 A A   5  6_555 ? ? ? ? ? ? WATSON-CRICK    ?     ? ? 
hydrog27 hydrog ?    ? A C   13 N3    ? ? ? 1_555 A G   4  N1 ? ? A C   13 A G   4  6_555 ? ? ? ? ? ? WATSON-CRICK    ?     ? ? 
hydrog28 hydrog ?    ? A C   13 N4    ? ? ? 1_555 A G   4  O6 ? ? A C   13 A G   4  6_555 ? ? ? ? ? ? WATSON-CRICK    ?     ? ? 
hydrog29 hydrog ?    ? A C   13 O2    ? ? ? 1_555 A G   4  N2 ? ? A C   13 A G   4  6_555 ? ? ? ? ? ? WATSON-CRICK    ?     ? ? 
hydrog30 hydrog ?    ? A U   14 N3    ? ? ? 1_555 A A   3  N1 ? ? A U   14 A A   3  6_555 ? ? ? ? ? ? WATSON-CRICK    ?     ? ? 
hydrog31 hydrog ?    ? A U   14 O4    ? ? ? 1_555 A A   3  N6 ? ? A U   14 A A   3  6_555 ? ? ? ? ? ? WATSON-CRICK    ?     ? ? 
hydrog32 hydrog ?    ? A RSP 15 N4    ? ? ? 1_555 A G   2  O6 ? ? A RSP 15 A G   2  6_555 ? ? ? ? ? ? 'RSP-G MISPAIR' ?     ? ? 
hydrog33 hydrog ?    ? A U   16 N3    ? ? ? 1_555 A A   1  N1 ? ? A U   16 A A   1  6_555 ? ? ? ? ? ? WATSON-CRICK    ?     ? ? 
hydrog34 hydrog ?    ? A U   16 O4    ? ? ? 1_555 A A   1  N6 ? ? A U   16 A A   1  6_555 ? ? ? ? ? ? WATSON-CRICK    ?     ? ? 
# 
loop_
_struct_conn_type.id 
_struct_conn_type.criteria 
_struct_conn_type.reference 
covale ? ? 
hydrog ? ? 
# 
_pdbx_entry_details.entry_id                   9CSO 
_pdbx_entry_details.has_ligand_of_interest     Y 
_pdbx_entry_details.compound_details           ? 
_pdbx_entry_details.source_details             ? 
_pdbx_entry_details.nonpolymer_details         ? 
_pdbx_entry_details.sequence_details           ? 
_pdbx_entry_details.has_protein_modification   N 
# 
loop_
_pdbx_validate_close_contact.id 
_pdbx_validate_close_contact.PDB_model_num 
_pdbx_validate_close_contact.auth_atom_id_1 
_pdbx_validate_close_contact.auth_asym_id_1 
_pdbx_validate_close_contact.auth_comp_id_1 
_pdbx_validate_close_contact.auth_seq_id_1 
_pdbx_validate_close_contact.PDB_ins_code_1 
_pdbx_validate_close_contact.label_alt_id_1 
_pdbx_validate_close_contact.auth_atom_id_2 
_pdbx_validate_close_contact.auth_asym_id_2 
_pdbx_validate_close_contact.auth_comp_id_2 
_pdbx_validate_close_contact.auth_seq_id_2 
_pdbx_validate_close_contact.PDB_ins_code_2 
_pdbx_validate_close_contact.label_alt_id_2 
_pdbx_validate_close_contact.dist 
1 1 O  A HOH 124 ? ? O A HOH 177 ? ? 2.10 
2 1 O2 A U   11  ? ? O A HOH 101 ? ? 2.17 
# 
_pdbx_validate_symm_contact.id                1 
_pdbx_validate_symm_contact.PDB_model_num     1 
_pdbx_validate_symm_contact.auth_atom_id_1    O 
_pdbx_validate_symm_contact.auth_asym_id_1    A 
_pdbx_validate_symm_contact.auth_comp_id_1    HOH 
_pdbx_validate_symm_contact.auth_seq_id_1     104 
_pdbx_validate_symm_contact.PDB_ins_code_1    ? 
_pdbx_validate_symm_contact.label_alt_id_1    ? 
_pdbx_validate_symm_contact.site_symmetry_1   1_555 
_pdbx_validate_symm_contact.auth_atom_id_2    O 
_pdbx_validate_symm_contact.auth_asym_id_2    A 
_pdbx_validate_symm_contact.auth_comp_id_2    HOH 
_pdbx_validate_symm_contact.auth_seq_id_2     173 
_pdbx_validate_symm_contact.PDB_ins_code_2    ? 
_pdbx_validate_symm_contact.label_alt_id_2    ? 
_pdbx_validate_symm_contact.site_symmetry_2   2_545 
_pdbx_validate_symm_contact.dist              2.17 
# 
loop_
_pdbx_validate_rmsd_bond.id 
_pdbx_validate_rmsd_bond.PDB_model_num 
_pdbx_validate_rmsd_bond.auth_atom_id_1 
_pdbx_validate_rmsd_bond.auth_asym_id_1 
_pdbx_validate_rmsd_bond.auth_comp_id_1 
_pdbx_validate_rmsd_bond.auth_seq_id_1 
_pdbx_validate_rmsd_bond.PDB_ins_code_1 
_pdbx_validate_rmsd_bond.label_alt_id_1 
_pdbx_validate_rmsd_bond.auth_atom_id_2 
_pdbx_validate_rmsd_bond.auth_asym_id_2 
_pdbx_validate_rmsd_bond.auth_comp_id_2 
_pdbx_validate_rmsd_bond.auth_seq_id_2 
_pdbx_validate_rmsd_bond.PDB_ins_code_2 
_pdbx_validate_rmsd_bond.label_alt_id_2 
_pdbx_validate_rmsd_bond.bond_value 
_pdbx_validate_rmsd_bond.bond_target_value 
_pdbx_validate_rmsd_bond.bond_deviation 
_pdbx_validate_rmsd_bond.bond_standard_deviation 
_pdbx_validate_rmsd_bond.linker_flag 
1 1 "O5'" A G 7  ? ? "C5'" A G 7  ? ? 1.361 1.420 -0.059 0.009 N 
2 1 C2    A U 11 ? ? N3    A U 11 ? ? 1.293 1.373 -0.080 0.007 N 
# 
loop_
_pdbx_validate_rmsd_angle.id 
_pdbx_validate_rmsd_angle.PDB_model_num 
_pdbx_validate_rmsd_angle.auth_atom_id_1 
_pdbx_validate_rmsd_angle.auth_asym_id_1 
_pdbx_validate_rmsd_angle.auth_comp_id_1 
_pdbx_validate_rmsd_angle.auth_seq_id_1 
_pdbx_validate_rmsd_angle.PDB_ins_code_1 
_pdbx_validate_rmsd_angle.label_alt_id_1 
_pdbx_validate_rmsd_angle.auth_atom_id_2 
_pdbx_validate_rmsd_angle.auth_asym_id_2 
_pdbx_validate_rmsd_angle.auth_comp_id_2 
_pdbx_validate_rmsd_angle.auth_seq_id_2 
_pdbx_validate_rmsd_angle.PDB_ins_code_2 
_pdbx_validate_rmsd_angle.label_alt_id_2 
_pdbx_validate_rmsd_angle.auth_atom_id_3 
_pdbx_validate_rmsd_angle.auth_asym_id_3 
_pdbx_validate_rmsd_angle.auth_comp_id_3 
_pdbx_validate_rmsd_angle.auth_seq_id_3 
_pdbx_validate_rmsd_angle.PDB_ins_code_3 
_pdbx_validate_rmsd_angle.label_alt_id_3 
_pdbx_validate_rmsd_angle.angle_value 
_pdbx_validate_rmsd_angle.angle_target_value 
_pdbx_validate_rmsd_angle.angle_deviation 
_pdbx_validate_rmsd_angle.angle_standard_deviation 
_pdbx_validate_rmsd_angle.linker_flag 
1  1 C6    A A 1  ? ? N1 A A 1  ? ? C2  A A 1  ? ? 122.86 118.60 4.26  0.60 N 
2  1 N1    A A 1  ? ? C2 A A 1  ? ? N3  A A 1  ? ? 124.93 129.30 -4.37 0.50 N 
3  1 N7    A G 4  ? ? C8 A G 4  ? ? N9  A G 4  ? ? 116.81 113.10 3.71  0.50 N 
4  1 C5    A A 6  ? ? N7 A A 6  ? ? C8  A A 6  ? ? 100.36 103.90 -3.54 0.50 N 
5  1 N7    A A 6  ? ? C8 A A 6  ? ? N9  A A 6  ? ? 118.56 113.80 4.76  0.50 N 
6  1 C8    A A 6  ? ? N9 A A 6  ? ? C4  A A 6  ? ? 102.24 105.80 -3.56 0.40 N 
7  1 "O5'" A G 7  ? ? P  A G 7  ? ? OP1 A G 7  ? ? 98.90  105.70 -6.80 0.90 N 
8  1 C2    A A 8  ? ? N3 A A 8  ? ? C4  A A 8  ? ? 107.56 110.60 -3.04 0.50 N 
9  1 C6    A C 10 ? ? N1 A C 10 ? ? C2  A C 10 ? ? 122.77 120.30 2.47  0.40 N 
10 1 "O5'" A C 13 ? ? P  A C 13 ? ? OP2 A C 13 ? ? 98.24  105.70 -7.46 0.90 N 
# 
loop_
_pdbx_struct_special_symmetry.id 
_pdbx_struct_special_symmetry.PDB_model_num 
_pdbx_struct_special_symmetry.auth_asym_id 
_pdbx_struct_special_symmetry.auth_comp_id 
_pdbx_struct_special_symmetry.auth_seq_id 
_pdbx_struct_special_symmetry.PDB_ins_code 
_pdbx_struct_special_symmetry.label_asym_id 
_pdbx_struct_special_symmetry.label_comp_id 
_pdbx_struct_special_symmetry.label_seq_id 
1 1 A HOH 103 ? B HOH . 
2 1 A HOH 109 ? B HOH . 
3 1 A HOH 133 ? B HOH . 
4 1 A HOH 144 ? B HOH . 
5 1 A HOH 151 ? B HOH . 
6 1 A HOH 152 ? B HOH . 
# 
loop_
_space_group_symop.id 
_space_group_symop.operation_xyz 
1  x,y,z                  
2  -y,x-y,z               
3  -x+y,-x,z              
4  x-y,-y,-z              
5  -x,-x+y,-z             
6  y,x,-z                 
7  x+1/3,y+2/3,z+2/3      
8  -y+1/3,x-y+2/3,z+2/3   
9  -x+y+1/3,-x+2/3,z+2/3  
10 x-y+1/3,-y+2/3,-z+2/3  
11 -x+1/3,-x+y+2/3,-z+2/3 
12 y+1/3,x+2/3,-z+2/3     
13 x+2/3,y+1/3,z+1/3      
14 -y+2/3,x-y+1/3,z+1/3   
15 -x+y+2/3,-x+1/3,z+1/3  
16 x-y+2/3,-y+1/3,-z+1/3  
17 -x+2/3,-x+y+1/3,-z+1/3 
18 y+2/3,x+1/3,-z+1/3     
# 
loop_
_chem_comp_atom.comp_id 
_chem_comp_atom.atom_id 
_chem_comp_atom.type_symbol 
_chem_comp_atom.pdbx_aromatic_flag 
_chem_comp_atom.pdbx_stereo_config 
_chem_comp_atom.pdbx_ordinal 
A   OP3    O N N 1   
A   P      P N N 2   
A   OP1    O N N 3   
A   OP2    O N N 4   
A   "O5'"  O N N 5   
A   "C5'"  C N N 6   
A   "C4'"  C N R 7   
A   "O4'"  O N N 8   
A   "C3'"  C N S 9   
A   "O3'"  O N N 10  
A   "C2'"  C N R 11  
A   "O2'"  O N N 12  
A   "C1'"  C N R 13  
A   N9     N Y N 14  
A   C8     C Y N 15  
A   N7     N Y N 16  
A   C5     C Y N 17  
A   C6     C Y N 18  
A   N6     N N N 19  
A   N1     N Y N 20  
A   C2     C Y N 21  
A   N3     N Y N 22  
A   C4     C Y N 23  
A   HOP3   H N N 24  
A   HOP2   H N N 25  
A   "H5'"  H N N 26  
A   "H5''" H N N 27  
A   "H4'"  H N N 28  
A   "H3'"  H N N 29  
A   "HO3'" H N N 30  
A   "H2'"  H N N 31  
A   "HO2'" H N N 32  
A   "H1'"  H N N 33  
A   H8     H N N 34  
A   H61    H N N 35  
A   H62    H N N 36  
A   H2     H N N 37  
C   OP3    O N N 38  
C   P      P N N 39  
C   OP1    O N N 40  
C   OP2    O N N 41  
C   "O5'"  O N N 42  
C   "C5'"  C N N 43  
C   "C4'"  C N R 44  
C   "O4'"  O N N 45  
C   "C3'"  C N S 46  
C   "O3'"  O N N 47  
C   "C2'"  C N R 48  
C   "O2'"  O N N 49  
C   "C1'"  C N R 50  
C   N1     N N N 51  
C   C2     C N N 52  
C   O2     O N N 53  
C   N3     N N N 54  
C   C4     C N N 55  
C   N4     N N N 56  
C   C5     C N N 57  
C   C6     C N N 58  
C   HOP3   H N N 59  
C   HOP2   H N N 60  
C   "H5'"  H N N 61  
C   "H5''" H N N 62  
C   "H4'"  H N N 63  
C   "H3'"  H N N 64  
C   "HO3'" H N N 65  
C   "H2'"  H N N 66  
C   "HO2'" H N N 67  
C   "H1'"  H N N 68  
C   H41    H N N 69  
C   H42    H N N 70  
C   H5     H N N 71  
C   H6     H N N 72  
G   OP3    O N N 73  
G   P      P N N 74  
G   OP1    O N N 75  
G   OP2    O N N 76  
G   "O5'"  O N N 77  
G   "C5'"  C N N 78  
G   "C4'"  C N R 79  
G   "O4'"  O N N 80  
G   "C3'"  C N S 81  
G   "O3'"  O N N 82  
G   "C2'"  C N R 83  
G   "O2'"  O N N 84  
G   "C1'"  C N R 85  
G   N9     N Y N 86  
G   C8     C Y N 87  
G   N7     N Y N 88  
G   C5     C Y N 89  
G   C6     C N N 90  
G   O6     O N N 91  
G   N1     N N N 92  
G   C2     C N N 93  
G   N2     N N N 94  
G   N3     N N N 95  
G   C4     C Y N 96  
G   HOP3   H N N 97  
G   HOP2   H N N 98  
G   "H5'"  H N N 99  
G   "H5''" H N N 100 
G   "H4'"  H N N 101 
G   "H3'"  H N N 102 
G   "HO3'" H N N 103 
G   "H2'"  H N N 104 
G   "HO2'" H N N 105 
G   "H1'"  H N N 106 
G   H8     H N N 107 
G   H1     H N N 108 
G   H21    H N N 109 
G   H22    H N N 110 
HOH O      O N N 111 
HOH H1     H N N 112 
HOH H2     H N N 113 
RSP P      P N N 114 
RSP N1     N N N 115 
RSP C2     C N N 116 
RSP S2     S N N 117 
RSP N3     N N N 118 
RSP C4     C N N 119 
RSP N4     N N N 120 
RSP C5     C N N 121 
RSP C6     C N N 122 
RSP "C1'"  C N R 123 
RSP "C2'"  C N R 124 
RSP "O2'"  O N N 125 
RSP "C3'"  C N S 126 
RSP "O3'"  O N N 127 
RSP "C4'"  C N R 128 
RSP "O4'"  O N N 129 
RSP "C5'"  C N N 130 
RSP "O5'"  O N N 131 
RSP OP1    O N N 132 
RSP OP2    O N N 133 
RSP OP3    O N N 134 
RSP H5     H N N 135 
RSP H6     H N N 136 
RSP "H5'"  H N N 137 
RSP "H1'"  H N N 138 
RSP "H2'"  H N N 139 
RSP "HO2'" H N N 140 
RSP "H3'"  H N N 141 
RSP "H4'"  H N N 142 
RSP HN4    H N N 143 
RSP HN4A   H N N 144 
RSP "H5'A" H N N 145 
RSP "HO3'" H N N 146 
RSP HOP2   H N N 147 
RSP HOP3   H N N 148 
U   OP3    O N N 149 
U   P      P N N 150 
U   OP1    O N N 151 
U   OP2    O N N 152 
U   "O5'"  O N N 153 
U   "C5'"  C N N 154 
U   "C4'"  C N R 155 
U   "O4'"  O N N 156 
U   "C3'"  C N S 157 
U   "O3'"  O N N 158 
U   "C2'"  C N R 159 
U   "O2'"  O N N 160 
U   "C1'"  C N R 161 
U   N1     N N N 162 
U   C2     C N N 163 
U   O2     O N N 164 
U   N3     N N N 165 
U   C4     C N N 166 
U   O4     O N N 167 
U   C5     C N N 168 
U   C6     C N N 169 
U   HOP3   H N N 170 
U   HOP2   H N N 171 
U   "H5'"  H N N 172 
U   "H5''" H N N 173 
U   "H4'"  H N N 174 
U   "H3'"  H N N 175 
U   "HO3'" H N N 176 
U   "H2'"  H N N 177 
U   "HO2'" H N N 178 
U   "H1'"  H N N 179 
U   H3     H N N 180 
U   H5     H N N 181 
U   H6     H N N 182 
# 
loop_
_chem_comp_bond.comp_id 
_chem_comp_bond.atom_id_1 
_chem_comp_bond.atom_id_2 
_chem_comp_bond.value_order 
_chem_comp_bond.pdbx_aromatic_flag 
_chem_comp_bond.pdbx_stereo_config 
_chem_comp_bond.pdbx_ordinal 
A   OP3    P      sing N N 1   
A   OP3    HOP3   sing N N 2   
A   P      OP1    doub N N 3   
A   P      OP2    sing N N 4   
A   P      "O5'"  sing N N 5   
A   OP2    HOP2   sing N N 6   
A   "O5'"  "C5'"  sing N N 7   
A   "C5'"  "C4'"  sing N N 8   
A   "C5'"  "H5'"  sing N N 9   
A   "C5'"  "H5''" sing N N 10  
A   "C4'"  "O4'"  sing N N 11  
A   "C4'"  "C3'"  sing N N 12  
A   "C4'"  "H4'"  sing N N 13  
A   "O4'"  "C1'"  sing N N 14  
A   "C3'"  "O3'"  sing N N 15  
A   "C3'"  "C2'"  sing N N 16  
A   "C3'"  "H3'"  sing N N 17  
A   "O3'"  "HO3'" sing N N 18  
A   "C2'"  "O2'"  sing N N 19  
A   "C2'"  "C1'"  sing N N 20  
A   "C2'"  "H2'"  sing N N 21  
A   "O2'"  "HO2'" sing N N 22  
A   "C1'"  N9     sing N N 23  
A   "C1'"  "H1'"  sing N N 24  
A   N9     C8     sing Y N 25  
A   N9     C4     sing Y N 26  
A   C8     N7     doub Y N 27  
A   C8     H8     sing N N 28  
A   N7     C5     sing Y N 29  
A   C5     C6     sing Y N 30  
A   C5     C4     doub Y N 31  
A   C6     N6     sing N N 32  
A   C6     N1     doub Y N 33  
A   N6     H61    sing N N 34  
A   N6     H62    sing N N 35  
A   N1     C2     sing Y N 36  
A   C2     N3     doub Y N 37  
A   C2     H2     sing N N 38  
A   N3     C4     sing Y N 39  
C   OP3    P      sing N N 40  
C   OP3    HOP3   sing N N 41  
C   P      OP1    doub N N 42  
C   P      OP2    sing N N 43  
C   P      "O5'"  sing N N 44  
C   OP2    HOP2   sing N N 45  
C   "O5'"  "C5'"  sing N N 46  
C   "C5'"  "C4'"  sing N N 47  
C   "C5'"  "H5'"  sing N N 48  
C   "C5'"  "H5''" sing N N 49  
C   "C4'"  "O4'"  sing N N 50  
C   "C4'"  "C3'"  sing N N 51  
C   "C4'"  "H4'"  sing N N 52  
C   "O4'"  "C1'"  sing N N 53  
C   "C3'"  "O3'"  sing N N 54  
C   "C3'"  "C2'"  sing N N 55  
C   "C3'"  "H3'"  sing N N 56  
C   "O3'"  "HO3'" sing N N 57  
C   "C2'"  "O2'"  sing N N 58  
C   "C2'"  "C1'"  sing N N 59  
C   "C2'"  "H2'"  sing N N 60  
C   "O2'"  "HO2'" sing N N 61  
C   "C1'"  N1     sing N N 62  
C   "C1'"  "H1'"  sing N N 63  
C   N1     C2     sing N N 64  
C   N1     C6     sing N N 65  
C   C2     O2     doub N N 66  
C   C2     N3     sing N N 67  
C   N3     C4     doub N N 68  
C   C4     N4     sing N N 69  
C   C4     C5     sing N N 70  
C   N4     H41    sing N N 71  
C   N4     H42    sing N N 72  
C   C5     C6     doub N N 73  
C   C5     H5     sing N N 74  
C   C6     H6     sing N N 75  
G   OP3    P      sing N N 76  
G   OP3    HOP3   sing N N 77  
G   P      OP1    doub N N 78  
G   P      OP2    sing N N 79  
G   P      "O5'"  sing N N 80  
G   OP2    HOP2   sing N N 81  
G   "O5'"  "C5'"  sing N N 82  
G   "C5'"  "C4'"  sing N N 83  
G   "C5'"  "H5'"  sing N N 84  
G   "C5'"  "H5''" sing N N 85  
G   "C4'"  "O4'"  sing N N 86  
G   "C4'"  "C3'"  sing N N 87  
G   "C4'"  "H4'"  sing N N 88  
G   "O4'"  "C1'"  sing N N 89  
G   "C3'"  "O3'"  sing N N 90  
G   "C3'"  "C2'"  sing N N 91  
G   "C3'"  "H3'"  sing N N 92  
G   "O3'"  "HO3'" sing N N 93  
G   "C2'"  "O2'"  sing N N 94  
G   "C2'"  "C1'"  sing N N 95  
G   "C2'"  "H2'"  sing N N 96  
G   "O2'"  "HO2'" sing N N 97  
G   "C1'"  N9     sing N N 98  
G   "C1'"  "H1'"  sing N N 99  
G   N9     C8     sing Y N 100 
G   N9     C4     sing Y N 101 
G   C8     N7     doub Y N 102 
G   C8     H8     sing N N 103 
G   N7     C5     sing Y N 104 
G   C5     C6     sing N N 105 
G   C5     C4     doub Y N 106 
G   C6     O6     doub N N 107 
G   C6     N1     sing N N 108 
G   N1     C2     sing N N 109 
G   N1     H1     sing N N 110 
G   C2     N2     sing N N 111 
G   C2     N3     doub N N 112 
G   N2     H21    sing N N 113 
G   N2     H22    sing N N 114 
G   N3     C4     sing N N 115 
HOH O      H1     sing N N 116 
HOH O      H2     sing N N 117 
RSP OP1    P      doub N N 118 
RSP OP3    P      sing N N 119 
RSP P      OP2    sing N N 120 
RSP P      "O5'"  sing N N 121 
RSP C6     N1     sing N N 122 
RSP N1     C2     sing N N 123 
RSP N1     "C1'"  sing N N 124 
RSP N3     C2     sing N N 125 
RSP C2     S2     doub N N 126 
RSP C4     N3     doub N N 127 
RSP N4     C4     sing N N 128 
RSP C5     C4     sing N N 129 
RSP HN4    N4     sing N N 130 
RSP N4     HN4A   sing N N 131 
RSP H5     C5     sing N N 132 
RSP C5     C6     doub N N 133 
RSP H6     C6     sing N N 134 
RSP "O4'"  "C1'"  sing N N 135 
RSP "C1'"  "H1'"  sing N N 136 
RSP "C1'"  "C2'"  sing N N 137 
RSP "C3'"  "C2'"  sing N N 138 
RSP "C2'"  "H2'"  sing N N 139 
RSP "C2'"  "O2'"  sing N N 140 
RSP "O2'"  "HO2'" sing N N 141 
RSP "C4'"  "C3'"  sing N N 142 
RSP "H3'"  "C3'"  sing N N 143 
RSP "C3'"  "O3'"  sing N N 144 
RSP "O3'"  "HO3'" sing N N 145 
RSP "C5'"  "C4'"  sing N N 146 
RSP "O4'"  "C4'"  sing N N 147 
RSP "C4'"  "H4'"  sing N N 148 
RSP "O5'"  "C5'"  sing N N 149 
RSP "H5'A" "C5'"  sing N N 150 
RSP "C5'"  "H5'"  sing N N 151 
RSP OP2    HOP2   sing N N 152 
RSP OP3    HOP3   sing N N 153 
U   OP3    P      sing N N 154 
U   OP3    HOP3   sing N N 155 
U   P      OP1    doub N N 156 
U   P      OP2    sing N N 157 
U   P      "O5'"  sing N N 158 
U   OP2    HOP2   sing N N 159 
U   "O5'"  "C5'"  sing N N 160 
U   "C5'"  "C4'"  sing N N 161 
U   "C5'"  "H5'"  sing N N 162 
U   "C5'"  "H5''" sing N N 163 
U   "C4'"  "O4'"  sing N N 164 
U   "C4'"  "C3'"  sing N N 165 
U   "C4'"  "H4'"  sing N N 166 
U   "O4'"  "C1'"  sing N N 167 
U   "C3'"  "O3'"  sing N N 168 
U   "C3'"  "C2'"  sing N N 169 
U   "C3'"  "H3'"  sing N N 170 
U   "O3'"  "HO3'" sing N N 171 
U   "C2'"  "O2'"  sing N N 172 
U   "C2'"  "C1'"  sing N N 173 
U   "C2'"  "H2'"  sing N N 174 
U   "O2'"  "HO2'" sing N N 175 
U   "C1'"  N1     sing N N 176 
U   "C1'"  "H1'"  sing N N 177 
U   N1     C2     sing N N 178 
U   N1     C6     sing N N 179 
U   C2     O2     doub N N 180 
U   C2     N3     sing N N 181 
U   N3     C4     sing N N 182 
U   N3     H3     sing N N 183 
U   C4     O4     doub N N 184 
U   C4     C5     sing N N 185 
U   C5     C6     doub N N 186 
U   C5     H5     sing N N 187 
U   C6     H6     sing N N 188 
# 
loop_
_ndb_struct_conf_na.entry_id 
_ndb_struct_conf_na.feature 
9CSO 'a-form double helix'  
9CSO 'mismatched base pair' 
# 
loop_
_ndb_struct_na_base_pair.model_number 
_ndb_struct_na_base_pair.i_label_asym_id 
_ndb_struct_na_base_pair.i_label_comp_id 
_ndb_struct_na_base_pair.i_label_seq_id 
_ndb_struct_na_base_pair.i_symmetry 
_ndb_struct_na_base_pair.j_label_asym_id 
_ndb_struct_na_base_pair.j_label_comp_id 
_ndb_struct_na_base_pair.j_label_seq_id 
_ndb_struct_na_base_pair.j_symmetry 
_ndb_struct_na_base_pair.shear 
_ndb_struct_na_base_pair.stretch 
_ndb_struct_na_base_pair.stagger 
_ndb_struct_na_base_pair.buckle 
_ndb_struct_na_base_pair.propeller 
_ndb_struct_na_base_pair.opening 
_ndb_struct_na_base_pair.pair_number 
_ndb_struct_na_base_pair.pair_name 
_ndb_struct_na_base_pair.i_auth_asym_id 
_ndb_struct_na_base_pair.i_auth_seq_id 
_ndb_struct_na_base_pair.i_PDB_ins_code 
_ndb_struct_na_base_pair.j_auth_asym_id 
_ndb_struct_na_base_pair.j_auth_seq_id 
_ndb_struct_na_base_pair.j_PDB_ins_code 
_ndb_struct_na_base_pair.hbond_type_28 
_ndb_struct_na_base_pair.hbond_type_12 
1 A A   1  1_555 A U   16 6_555 -0.074 -0.146 0.006  -1.964 -10.573 -0.343 1  A_A1:U16_A   A 1  ? A 16 ? 20 1 
1 A G   2  1_555 A RSP 15 6_555 -0.213 -0.088 -0.339 -5.777 -17.305 -7.273 2  A_G2:RSP15_A A 2  ? A 15 ? ?  1 
1 A A   3  1_555 A U   14 6_555 0.052  -0.134 -0.042 -2.888 -10.969 0.111  3  A_A3:U14_A   A 3  ? A 14 ? 20 1 
1 A G   4  1_555 A C   13 6_555 -0.370 -0.147 -0.150 -3.181 -11.151 0.206  4  A_G4:C13_A   A 4  ? A 13 ? 19 1 
1 A A   5  1_555 A U   12 6_555 0.052  -0.152 -0.097 -3.956 -8.283  3.181  5  A_A5:U12_A   A 5  ? A 12 ? 20 1 
1 A A   6  1_555 A U   11 6_555 -0.437 -0.045 -0.076 -4.903 -16.220 3.522  6  A_A6:U11_A   A 6  ? A 11 ? 20 1 
1 A G   7  1_555 A C   10 6_555 -0.303 -0.143 0.050  -3.456 -10.599 0.725  7  A_G7:C10_A   A 7  ? A 10 ? 19 1 
1 A A   8  1_555 A U   9  6_555 -0.009 -0.145 -0.122 -1.232 -14.720 0.161  8  A_A8:U9_A    A 8  ? A 9  ? 20 1 
1 A U   9  1_555 A A   8  6_555 0.009  -0.145 -0.122 1.232  -14.720 0.161  9  A_U9:A8_A    A 9  ? A 8  ? 20 1 
1 A C   10 1_555 A G   7  6_555 0.303  -0.143 0.050  3.456  -10.599 0.725  10 A_C10:G7_A   A 10 ? A 7  ? 19 1 
1 A U   11 1_555 A A   6  6_555 0.437  -0.045 -0.076 4.903  -16.220 3.522  11 A_U11:A6_A   A 11 ? A 6  ? 20 1 
1 A U   12 1_555 A A   5  6_555 -0.052 -0.152 -0.097 3.956  -8.283  3.181  12 A_U12:A5_A   A 12 ? A 5  ? 20 1 
1 A C   13 1_555 A G   4  6_555 0.370  -0.147 -0.150 3.181  -11.151 0.206  13 A_C13:G4_A   A 13 ? A 4  ? 19 1 
1 A U   14 1_555 A A   3  6_555 -0.052 -0.134 -0.042 2.888  -10.969 0.111  14 A_U14:A3_A   A 14 ? A 3  ? 20 1 
1 A RSP 15 1_555 A G   2  6_555 0.213  -0.088 -0.339 5.777  -17.305 -7.273 15 A_RSP15:G2_A A 15 ? A 2  ? ?  1 
1 A U   16 1_555 A A   1  6_555 0.074  -0.146 0.006  1.964  -10.573 -0.343 16 A_U16:A1_A   A 16 ? A 1  ? 20 1 
# 
loop_
_ndb_struct_na_base_pair_step.model_number 
_ndb_struct_na_base_pair_step.i_label_asym_id_1 
_ndb_struct_na_base_pair_step.i_label_comp_id_1 
_ndb_struct_na_base_pair_step.i_label_seq_id_1 
_ndb_struct_na_base_pair_step.i_symmetry_1 
_ndb_struct_na_base_pair_step.j_label_asym_id_1 
_ndb_struct_na_base_pair_step.j_label_comp_id_1 
_ndb_struct_na_base_pair_step.j_label_seq_id_1 
_ndb_struct_na_base_pair_step.j_symmetry_1 
_ndb_struct_na_base_pair_step.i_label_asym_id_2 
_ndb_struct_na_base_pair_step.i_label_comp_id_2 
_ndb_struct_na_base_pair_step.i_label_seq_id_2 
_ndb_struct_na_base_pair_step.i_symmetry_2 
_ndb_struct_na_base_pair_step.j_label_asym_id_2 
_ndb_struct_na_base_pair_step.j_label_comp_id_2 
_ndb_struct_na_base_pair_step.j_label_seq_id_2 
_ndb_struct_na_base_pair_step.j_symmetry_2 
_ndb_struct_na_base_pair_step.shift 
_ndb_struct_na_base_pair_step.slide 
_ndb_struct_na_base_pair_step.rise 
_ndb_struct_na_base_pair_step.tilt 
_ndb_struct_na_base_pair_step.roll 
_ndb_struct_na_base_pair_step.twist 
_ndb_struct_na_base_pair_step.x_displacement 
_ndb_struct_na_base_pair_step.y_displacement 
_ndb_struct_na_base_pair_step.helical_rise 
_ndb_struct_na_base_pair_step.inclination 
_ndb_struct_na_base_pair_step.tip 
_ndb_struct_na_base_pair_step.helical_twist 
_ndb_struct_na_base_pair_step.step_number 
_ndb_struct_na_base_pair_step.step_name 
_ndb_struct_na_base_pair_step.i_auth_asym_id_1 
_ndb_struct_na_base_pair_step.i_auth_seq_id_1 
_ndb_struct_na_base_pair_step.i_PDB_ins_code_1 
_ndb_struct_na_base_pair_step.j_auth_asym_id_1 
_ndb_struct_na_base_pair_step.j_auth_seq_id_1 
_ndb_struct_na_base_pair_step.j_PDB_ins_code_1 
_ndb_struct_na_base_pair_step.i_auth_asym_id_2 
_ndb_struct_na_base_pair_step.i_auth_seq_id_2 
_ndb_struct_na_base_pair_step.i_PDB_ins_code_2 
_ndb_struct_na_base_pair_step.j_auth_asym_id_2 
_ndb_struct_na_base_pair_step.j_auth_seq_id_2 
_ndb_struct_na_base_pair_step.j_PDB_ins_code_2 
1 A A   1  1_555 A U   16 6_555 A G   2  1_555 A RSP 15 6_555 -0.863 -1.238 3.287 -0.270 7.899  33.593 -3.270 1.416  2.936 13.436 
0.460  34.484 1  AA_A1G2:RSP15U16_AA A 1  ? A 16 ? A 2  ? A 15 ? 
1 A G   2  1_555 A RSP 15 6_555 A A   3  1_555 A U   14 6_555 0.881  -1.240 3.126 -0.928 4.437  33.318 -2.817 -1.665 2.916 7.694  
1.610  33.617 2  AA_G2A3:U14RSP15_AA A 2  ? A 15 ? A 3  ? A 14 ? 
1 A A   3  1_555 A U   14 6_555 A G   4  1_555 A C   13 6_555 -0.331 -1.425 3.240 -0.589 10.765 33.076 -3.911 0.470  2.665 18.313 
1.003  34.742 3  AA_A3G4:C13U14_AA   A 3  ? A 14 ? A 4  ? A 13 ? 
1 A G   4  1_555 A C   13 6_555 A A   5  1_555 A U   12 6_555 0.378  -1.525 3.274 0.137  10.482 30.408 -4.498 -0.661 2.619 19.278 
-0.252 32.124 4  AA_G4A5:U12C13_AA   A 4  ? A 13 ? A 5  ? A 12 ? 
1 A A   5  1_555 A U   12 6_555 A A   6  1_555 A U   11 6_555 0.583  -1.807 3.210 2.578  14.072 31.505 -4.957 -0.632 2.261 24.404 
-4.470 34.526 5  AA_A5A6:U11U12_AA   A 5  ? A 12 ? A 6  ? A 11 ? 
1 A A   6  1_555 A U   11 6_555 A G   7  1_555 A C   10 6_555 -0.148 -2.133 3.068 -0.861 10.499 25.211 -6.648 0.139  2.035 22.824 
1.872  27.290 6  AA_A6G7:C10U11_AA   A 6  ? A 11 ? A 7  ? A 10 ? 
1 A G   7  1_555 A C   10 6_555 A A   8  1_555 A U   9  6_555 -0.558 -1.527 3.167 -0.101 5.238  33.474 -3.407 0.943  2.903 9.025  
0.174  33.870 7  AA_G7A8:U9C10_AA    A 7  ? A 10 ? A 8  ? A 9  ? 
1 A A   8  1_555 A U   9  6_555 A U   9  1_555 A A   8  6_555 0.000  -1.148 3.114 0.000  5.578  32.227 -2.929 0.000  2.880 9.955  
0.000  32.693 8  AA_A8U9:A8U9_AA     A 8  ? A 9  ? A 9  ? A 8  ? 
1 A U   9  1_555 A A   8  6_555 A C   10 1_555 A G   7  6_555 0.558  -1.527 3.167 0.101  5.238  33.474 -3.407 -0.943 2.903 9.025  
-0.174 33.870 9  AA_U9C10:G7A8_AA    A 9  ? A 8  ? A 10 ? A 7  ? 
1 A C   10 1_555 A G   7  6_555 A U   11 1_555 A A   6  6_555 0.148  -2.133 3.068 0.861  10.499 25.211 -6.648 -0.139 2.035 22.824 
-1.872 27.290 10 AA_C10U11:A6G7_AA   A 10 ? A 7  ? A 11 ? A 6  ? 
1 A U   11 1_555 A A   6  6_555 A U   12 1_555 A A   5  6_555 -0.583 -1.807 3.210 -2.578 14.072 31.505 -4.957 0.632  2.261 24.404 
4.470  34.526 11 AA_U11U12:A5A6_AA   A 11 ? A 6  ? A 12 ? A 5  ? 
1 A U   12 1_555 A A   5  6_555 A C   13 1_555 A G   4  6_555 -0.378 -1.525 3.274 -0.137 10.482 30.408 -4.498 0.661  2.619 19.278 
0.252  32.124 12 AA_U12C13:G4A5_AA   A 12 ? A 5  ? A 13 ? A 4  ? 
1 A C   13 1_555 A G   4  6_555 A U   14 1_555 A A   3  6_555 0.331  -1.425 3.240 0.589  10.765 33.076 -3.911 -0.470 2.665 18.313 
-1.003 34.742 13 AA_C13U14:A3G4_AA   A 13 ? A 4  ? A 14 ? A 3  ? 
1 A U   14 1_555 A A   3  6_555 A RSP 15 1_555 A G   2  6_555 -0.881 -1.240 3.126 0.928  4.437  33.318 -2.817 1.665  2.916 7.694  
-1.610 33.617 14 AA_U14RSP15:G2A3_AA A 14 ? A 3  ? A 15 ? A 2  ? 
1 A RSP 15 1_555 A G   2  6_555 A U   16 1_555 A A   1  6_555 0.863  -1.238 3.287 0.270  7.899  33.593 -3.270 -1.416 2.936 13.436 
-0.460 34.484 15 AA_RSP15U16:A1G2_AA A 15 ? A 2  ? A 16 ? A 1  ? 
# 
loop_
_pdbx_audit_support.funding_organization 
_pdbx_audit_support.country 
_pdbx_audit_support.grant_number 
_pdbx_audit_support.ordinal 
'National Science Foundation (NSF, United States)' 'United States' 2104708 1 
'Howard Hughes Medical Institute (HHMI)'           'United States' ?       2 
# 
_pdbx_initial_refinement_model.id               1 
_pdbx_initial_refinement_model.entity_id_list   ? 
_pdbx_initial_refinement_model.type             'experimental model' 
_pdbx_initial_refinement_model.source_name      PDB 
_pdbx_initial_refinement_model.accession_code   3ND4 
_pdbx_initial_refinement_model.details          ? 
# 
_space_group.name_H-M_alt     'R 3 2 :H' 
_space_group.name_Hall        
;R 3 2"
;
_space_group.IT_number        155 
_space_group.crystal_system   trigonal 
_space_group.id               1 
# 
_atom_sites.entry_id                    9CSO 
_atom_sites.Cartn_transf_matrix[1][1]   ? 
_atom_sites.Cartn_transf_matrix[1][2]   ? 
_atom_sites.Cartn_transf_matrix[1][3]   ? 
_atom_sites.Cartn_transf_matrix[2][1]   ? 
_atom_sites.Cartn_transf_matrix[2][2]   ? 
_atom_sites.Cartn_transf_matrix[2][3]   ? 
_atom_sites.Cartn_transf_matrix[3][1]   ? 
_atom_sites.Cartn_transf_matrix[3][2]   ? 
_atom_sites.Cartn_transf_matrix[3][3]   ? 
_atom_sites.Cartn_transf_vector[1]      ? 
_atom_sites.Cartn_transf_vector[2]      ? 
_atom_sites.Cartn_transf_vector[3]      ? 
_atom_sites.Cartn_transform_axes        ? 
_atom_sites.fract_transf_matrix[1][1]   -0.01199165 
_atom_sites.fract_transf_matrix[1][2]   0.00387404 
_atom_sites.fract_transf_matrix[1][3]   0.02492784 
_atom_sites.fract_transf_matrix[2][1]   -0.02567882 
_atom_sites.fract_transf_matrix[2][2]   0.01087263 
_atom_sites.fract_transf_matrix[2][3]   0.00160647 
_atom_sites.fract_transf_matrix[3][1]   -0.00315688 
_atom_sites.fract_transf_matrix[3][2]   -0.00740145 
_atom_sites.fract_transf_matrix[3][3]   -0.00036837 
_atom_sites.fract_transf_vector[1]      -0.021897 
_atom_sites.fract_transf_vector[2]      -0.439943 
_atom_sites.fract_transf_vector[3]      0.013980 
_atom_sites.solution_primary            ? 
_atom_sites.solution_secondary          ? 
_atom_sites.solution_hydrogens          ? 
_atom_sites.special_details             ? 
# 
loop_
_atom_type.symbol 
_atom_type.scat_dispersion_real 
_atom_type.scat_dispersion_imag 
_atom_type.scat_Cromer_Mann_a1 
_atom_type.scat_Cromer_Mann_a2 
_atom_type.scat_Cromer_Mann_a3 
_atom_type.scat_Cromer_Mann_a4 
_atom_type.scat_Cromer_Mann_b1 
_atom_type.scat_Cromer_Mann_b2 
_atom_type.scat_Cromer_Mann_b3 
_atom_type.scat_Cromer_Mann_b4 
_atom_type.scat_Cromer_Mann_c 
_atom_type.scat_source 
_atom_type.scat_dispersion_source 
C ? ? 3.54356 2.42580 ? ? 25.62398 1.50364  ? ? 0.0 
;2-Gaussian fit: Grosse-Kunstleve RW, Sauter NK, Adams PD: Newsletter of the IUCr Commission on Crystallographic Computing 2004, 3, 22-31.
;
? 
N ? ? 4.01032 2.96436 ? ? 19.97189 1.75589  ? ? 0.0 
;2-Gaussian fit: Grosse-Kunstleve RW, Sauter NK, Adams PD: Newsletter of the IUCr Commission on Crystallographic Computing 2004, 3, 22-31.
;
? 
O ? ? 4.49882 3.47563 ? ? 15.80542 1.70748  ? ? 0.0 
;2-Gaussian fit: Grosse-Kunstleve RW, Sauter NK, Adams PD: Newsletter of the IUCr Commission on Crystallographic Computing 2004, 3, 22-31.
;
? 
P ? ? 9.51135 5.44231 ? ? 1.42069  35.72801 ? ? 0.0 
;2-Gaussian fit: Grosse-Kunstleve RW, Sauter NK, Adams PD: Newsletter of the IUCr Commission on Crystallographic Computing 2004, 3, 22-31.
;
? 
S ? ? 9.55732 6.39887 ? ? 1.23737  29.19336 ? ? 0.0 
;2-Gaussian fit: Grosse-Kunstleve RW, Sauter NK, Adams PD: Newsletter of the IUCr Commission on Crystallographic Computing 2004, 3, 22-31.
;
? 
# 
loop_
_atom_site.group_PDB 
_atom_site.id 
_atom_site.type_symbol 
_atom_site.label_atom_id 
_atom_site.label_alt_id 
_atom_site.label_comp_id 
_atom_site.label_asym_id 
_atom_site.label_entity_id 
_atom_site.label_seq_id 
_atom_site.pdbx_PDB_ins_code 
_atom_site.Cartn_x 
_atom_site.Cartn_y 
_atom_site.Cartn_z 
_atom_site.occupancy 
_atom_site.B_iso_or_equiv 
_atom_site.pdbx_formal_charge 
_atom_site.auth_seq_id 
_atom_site.auth_comp_id 
_atom_site.auth_asym_id 
_atom_site.auth_atom_id 
_atom_site.pdbx_PDB_model_num 
ATOM   1   O "O5'" . A   A 1 1  ? 3.98652   17.80819  -5.95689  1.000 18.71836 ? 1   A   A "O5'" 1 
ATOM   2   C "C5'" . A   A 1 1  ? 4.48081   17.72667  -7.28413  1.000 13.63964 ? 1   A   A "C5'" 1 
ATOM   3   C "C4'" . A   A 1 1  ? 5.97482   17.64507  -7.32672  1.000 11.17786 ? 1   A   A "C4'" 1 
ATOM   4   O "O4'" . A   A 1 1  ? 6.55835   18.82842  -6.74878  1.000 9.95164  ? 1   A   A "O4'" 1 
ATOM   5   C "C3'" . A   A 1 1  ? 6.59208   16.51595  -6.54669  1.000 11.24042 ? 1   A   A "C3'" 1 
ATOM   6   O "O3'" . A   A 1 1  ? 6.53935   15.34497  -7.32957  1.000 13.18087 ? 1   A   A "O3'" 1 
ATOM   7   C "C2'" . A   A 1 1  ? 7.99272   17.01264  -6.33927  1.000 9.57602  ? 1   A   A "C2'" 1 
ATOM   8   O "O2'" . A   A 1 1  ? 8.70393   16.99458  -7.56263  1.000 11.46491 ? 1   A   A "O2'" 1 
ATOM   9   C "C1'" . A   A 1 1  ? 7.71559   18.46530  -6.02999  1.000 8.67516  ? 1   A   A "C1'" 1 
ATOM   10  N N9    . A   A 1 1  ? 7.43765   18.74144  -4.61960  1.000 9.23057  ? 1   A   A N9    1 
ATOM   11  C C8    . A   A 1 1  ? 6.23329   19.11524  -4.07072  1.000 7.74496  ? 1   A   A C8    1 
ATOM   12  N N7    . A   A 1 1  ? 6.29662   19.42161  -2.81704  1.000 9.27530  ? 1   A   A N7    1 
ATOM   13  C C5    . A   A 1 1  ? 7.65632   19.25555  -2.52252  1.000 7.54271  ? 1   A   A C5    1 
ATOM   14  C C6    . A   A 1 1  ? 8.36142   19.42834  -1.34519  1.000 7.07085  ? 1   A   A C6    1 
ATOM   15  N N6    . A   A 1 1  ? 7.84134   19.86473  -0.21192  1.000 8.82802  ? 1   A   A N6    1 
ATOM   16  N N1    . A   A 1 1  ? 9.65413   19.15549  -1.40356  1.000 7.13374  ? 1   A   A N1    1 
ATOM   17  C C2    . A   A 1 1  ? 10.26554  18.77206  -2.53158  1.000 8.90779  ? 1   A   A C2    1 
ATOM   18  N N3    . A   A 1 1  ? 9.66318   18.56943  -3.68353  1.000 8.08752  ? 1   A   A N3    1 
ATOM   19  C C4    . A   A 1 1  ? 8.37703   18.84882  -3.61316  1.000 8.31953  ? 1   A   A C4    1 
ATOM   20  P P     . G   A 1 2  ? 6.47207   13.93468  -6.63585  1.000 12.61612 ? 2   G   A P     1 
ATOM   21  O OP1   . G   A 1 2  ? 6.29624   12.99584  -7.76744  1.000 17.87330 ? 2   G   A OP1   1 
ATOM   22  O OP2   . G   A 1 2  ? 5.57820   13.97253  -5.50721  1.000 13.25694 ? 2   G   A OP2   1 
ATOM   23  O "O5'" . G   A 1 2  ? 7.92502   13.69656  -6.09021  1.000 12.64721 ? 2   G   A "O5'" 1 
ATOM   24  C "C5'" . G   A 1 2  ? 9.05246   13.46794  -6.90342  1.000 13.30028 ? 2   G   A "C5'" 1 
ATOM   25  C "C4'" . G   A 1 2  ? 10.27911  13.38426  -6.03046  1.000 15.45880 ? 2   G   A "C4'" 1 
ATOM   26  O "O4'" . G   A 1 2  ? 10.54225  14.68233  -5.44550  1.000 12.83525 ? 2   G   A "O4'" 1 
ATOM   27  C "C3'" . G   A 1 2  ? 10.20421  12.45757  -4.81553  1.000 11.87151 ? 2   G   A "C3'" 1 
ATOM   28  O "O3'" . G   A 1 2  ? 10.38460  11.08777  -5.14291  1.000 13.24536 ? 2   G   A "O3'" 1 
ATOM   29  C "C2'" . G   A 1 2  ? 11.30922  13.02215  -3.96382  1.000 10.90847 ? 2   G   A "C2'" 1 
ATOM   30  O "O2'" . G   A 1 2  ? 12.58164  12.69702  -4.50823  1.000 15.46699 ? 2   G   A "O2'" 1 
ATOM   31  C "C1'" . G   A 1 2  ? 11.09897  14.51246  -4.15642  1.000 11.28821 ? 2   G   A "C1'" 1 
ATOM   32  N N9    . G   A 1 2  ? 10.12663  15.01104  -3.20634  1.000 10.71392 ? 2   G   A N9    1 
ATOM   33  C C8    . G   A 1 2  ? 8.77271   15.24219  -3.35543  1.000 9.47271  ? 2   G   A C8    1 
ATOM   34  N N7    . G   A 1 2  ? 8.24305   15.68362  -2.23847  1.000 8.04774  ? 2   G   A N7    1 
ATOM   35  C C5    . G   A 1 2  ? 9.29560   15.83320  -1.38509  1.000 7.24976  ? 2   G   A C5    1 
ATOM   36  C C6    . G   A 1 2  ? 9.26009   16.22059  -0.05476  1.000 6.53490  ? 2   G   A C6    1 
ATOM   37  O O6    . G   A 1 2  ? 8.33833   16.64427  0.62911   1.000 8.33004  ? 2   G   A O6    1 
ATOM   38  N N1    . G   A 1 2  ? 10.51437  16.11158  0.54965   1.000 7.18428  ? 2   G   A N1    1 
ATOM   39  C C2    . G   A 1 2  ? 11.64106  15.61879  -0.07854  1.000 8.26497  ? 2   G   A C2    1 
ATOM   40  N N2    . G   A 1 2  ? 12.79500  15.54383  0.64988   1.000 8.80974  ? 2   G   A N2    1 
ATOM   41  N N3    . G   A 1 2  ? 11.62928  15.22852  -1.34212  1.000 7.41303  ? 2   G   A N3    1 
ATOM   42  C C4    . G   A 1 2  ? 10.44128  15.35234  -1.91846  1.000 8.42949  ? 2   G   A C4    1 
ATOM   43  P P     . A   A 1 3  ? 9.71378   9.94315   -4.29245  1.000 14.35112 ? 3   A   A P     1 
ATOM   44  O OP1   . A   A 1 3  ? 10.10029  8.67532   -4.95444  1.000 16.91510 ? 3   A   A OP1   1 
ATOM   45  O OP2   . A   A 1 3  ? 8.32974   10.21740  -3.93554  1.000 16.48875 ? 3   A   A OP2   1 
ATOM   46  O "O5'" . A   A 1 3  ? 10.45993  10.04427  -2.89875  1.000 11.35296 ? 3   A   A "O5'" 1 
ATOM   47  C "C5'" . A   A 1 3  ? 11.84235  9.76640   -2.79629  1.000 13.34032 ? 3   A   A "C5'" 1 
ATOM   48  C "C4'" . A   A 1 3  ? 12.28998  10.15423  -1.42317  1.000 10.44307 ? 3   A   A "C4'" 1 
ATOM   49  O "O4'" . A   A 1 3  ? 12.02882  11.55302  -1.18419  1.000 10.11896 ? 3   A   A "O4'" 1 
ATOM   50  C "C3'" . A   A 1 3  ? 11.57570  9.48102   -0.29530  1.000 10.10762 ? 3   A   A "C3'" 1 
ATOM   51  O "O3'" . A   A 1 3  ? 12.08283  8.18778   -0.08504  1.000 12.17536 ? 3   A   A "O3'" 1 
ATOM   52  C "C2'" . A   A 1 3  ? 11.86841  10.41027  0.86058   1.000 9.73039  ? 3   A   A "C2'" 1 
ATOM   53  O "O2'" . A   A 1 3  ? 13.20804  10.28105  1.28226   1.000 10.86896 ? 3   A   A "O2'" 1 
ATOM   54  C "C1'" . A   A 1 3  ? 11.74198  11.75541  0.17766   1.000 9.31671  ? 3   A   A "C1'" 1 
ATOM   55  N N9    . A   A 1 3  ? 10.38249  12.28642  0.27606   1.000 7.65181  ? 3   A   A N9    1 
ATOM   56  C C8    . A   A 1 3  ? 9.38385   12.25552  -0.66212  1.000 9.46926  ? 3   A   A C8    1 
ATOM   57  N N7    . A   A 1 3  ? 8.31087   12.82993  -0.22534  1.000 7.15330  ? 3   A   A N7    1 
ATOM   58  C C5    . A   A 1 3  ? 8.61005   13.23382  1.07306   1.000 5.91255  ? 3   A   A C5    1 
ATOM   59  C C6    . A   A 1 3  ? 7.89906   13.93020  2.03948   1.000 6.28268  ? 3   A   A C6    1 
ATOM   60  N N6    . A   A 1 3  ? 6.65097   14.35596  1.87863   1.000 7.81781  ? 3   A   A N6    1 
ATOM   61  N N1    . A   A 1 3  ? 8.50262   14.15275  3.20252   1.000 7.77972  ? 3   A   A N1    1 
ATOM   62  C C2    . A   A 1 3  ? 9.77148   13.74554  3.40483   1.000 8.32915  ? 3   A   A C2    1 
ATOM   63  N N3    . A   A 1 3  ? 10.54502  13.11810  2.52994   1.000 7.28271  ? 3   A   A N3    1 
ATOM   64  C C4    . A   A 1 3  ? 9.87361   12.91565  1.40397   1.000 7.17919  ? 3   A   A C4    1 
ATOM   65  P P     . G   A 1 4  ? 11.19251  7.10180   0.61649   1.000 14.55015 ? 4   G   A P     1 
ATOM   66  O OP1   . G   A 1 4  ? 11.93480  5.81448   0.41977   1.000 15.76169 ? 4   G   A OP1   1 
ATOM   67  O OP2   . G   A 1 4  ? 9.79851   7.20196   0.22051   1.000 16.77860 ? 4   G   A OP2   1 
ATOM   68  O "O5'" . G   A 1 4  ? 11.18725  7.51931   2.12578   1.000 12.48444 ? 4   G   A "O5'" 1 
ATOM   69  C "C5'" . G   A 1 4  ? 12.30520  7.36135   2.95328   1.000 12.51551 ? 4   G   A "C5'" 1 
ATOM   70  C "C4'" . G   A 1 4  ? 12.04872  7.83846   4.35354   1.000 11.39210 ? 4   G   A "C4'" 1 
ATOM   71  O "O4'" . G   A 1 4  ? 11.78928  9.25825   4.34954   1.000 14.65645 ? 4   G   A "O4'" 1 
ATOM   72  C "C3'" . G   A 1 4  ? 10.83929  7.28533   5.07723   1.000 15.34427 ? 4   G   A "C3'" 1 
ATOM   73  O "O3'" . G   A 1 4  ? 11.04129  5.99013   5.54575   1.000 17.11659 ? 4   G   A "O3'" 1 
ATOM   74  C "C2'" . G   A 1 4  ? 10.63844  8.31800   6.18018   1.000 15.35203 ? 4   G   A "C2'" 1 
ATOM   75  O "O2'" . G   A 1 4  ? 11.63919  8.20118   7.16798   1.000 17.86877 ? 4   G   A "O2'" 1 
ATOM   76  C "C1'" . G   A 1 4  ? 10.89828  9.58952   5.40038   1.000 14.32707 ? 4   G   A "C1'" 1 
ATOM   77  N N9    . G   A 1 4  ? 9.67631   10.05810  4.75401   1.000 11.60738 ? 4   G   A N9    1 
ATOM   78  C C8    . G   A 1 4  ? 9.29503   9.82700   3.49210   1.000 11.13845 ? 4   G   A C8    1 
ATOM   79  N N7    . G   A 1 4  ? 8.18877   10.36014  3.11415   1.000 12.06730 ? 4   G   A N7    1 
ATOM   80  C C5    . G   A 1 4  ? 7.74675   10.97957  4.28030   1.000 9.42172  ? 4   G   A C5    1 
ATOM   81  C C6    . G   A 1 4  ? 6.56257   11.74361  4.52372   1.000 11.06758 ? 4   G   A C6    1 
ATOM   82  O O6    . G   A 1 4  ? 5.64871   11.99748  3.72143   1.000 11.47631 ? 4   G   A O6    1 
ATOM   83  N N1    . G   A 1 4  ? 6.50266   12.15218  5.86048   1.000 9.81129  ? 4   G   A N1    1 
ATOM   84  C C2    . G   A 1 4  ? 7.45667   11.91758  6.82757   1.000 13.93124 ? 4   G   A C2    1 
ATOM   85  N N2    . G   A 1 4  ? 7.29104   12.33179  8.08426   1.000 12.69726 ? 4   G   A N2    1 
ATOM   86  N N3    . G   A 1 4  ? 8.56160   11.23403  6.57326   1.000 13.31657 ? 4   G   A N3    1 
ATOM   87  C C4    . G   A 1 4  ? 8.62767   10.82238  5.31629   1.000 9.37477  ? 4   G   A C4    1 
ATOM   88  P P     . A   A 1 5  ? 9.79749   4.99218   5.58322   1.000 17.40488 ? 5   A   A P     1 
ATOM   89  O OP1   . A   A 1 5  ? 10.30985  3.70116   6.07632   1.000 22.17597 ? 5   A   A OP1   1 
ATOM   90  O OP2   . A   A 1 5  ? 9.10191   4.97362   4.35903   1.000 15.99728 ? 5   A   A OP2   1 
ATOM   91  O "O5'" . A   A 1 5  ? 8.83380   5.62473   6.66894   1.000 18.01840 ? 5   A   A "O5'" 1 
ATOM   92  C "C5'" . A   A 1 5  ? 9.24633   5.72405   8.02130   1.000 16.72820 ? 5   A   A "C5'" 1 
ATOM   93  C "C4'" . A   A 1 5  ? 8.17587   6.35201   8.87144   1.000 14.96658 ? 5   A   A "C4'" 1 
ATOM   94  O "O4'" . A   A 1 5  ? 8.01940   7.73405   8.46576   1.000 12.36933 ? 5   A   A "O4'" 1 
ATOM   95  C "C3'" . A   A 1 5  ? 6.77405   5.79456   8.75275   1.000 18.12458 ? 5   A   A "C3'" 1 
ATOM   96  O "O3'" . A   A 1 5  ? 6.61011   4.59559   9.46393   1.000 18.30459 ? 5   A   A "O3'" 1 
ATOM   97  C "C2'" . A   A 1 5  ? 5.94108   6.93651   9.27609   1.000 14.47612 ? 5   A   A "C2'" 1 
ATOM   98  O "O2'" . A   A 1 5  ? 5.99187   7.01290   10.69608  1.000 18.22708 ? 5   A   A "O2'" 1 
ATOM   99  C "C1'" . A   A 1 5  ? 6.69534   8.13519   8.67567   1.000 12.98927 ? 5   A   A "C1'" 1 
ATOM   100 N N9    . A   A 1 5  ? 6.11677   8.45911   7.36906   1.000 12.50787 ? 5   A   A N9    1 
ATOM   101 C C8    . A   A 1 5  ? 6.51252   8.04969   6.14100   1.000 13.10816 ? 5   A   A C8    1 
ATOM   102 N N7    . A   A 1 5  ? 5.74024   8.47024   5.14459   1.000 12.10402 ? 5   A   A N7    1 
ATOM   103 C C5    . A   A 1 5  ? 4.76319   9.18879   5.77988   1.000 8.58636  ? 5   A   A C5    1 
ATOM   104 C C6    . A   A 1 5  ? 3.65552   9.87283   5.30464   1.000 12.20207 ? 5   A   A C6    1 
ATOM   105 N N6    . A   A 1 5  ? 3.33780   9.96784   4.02605   1.000 12.60953 ? 5   A   A N6    1 
ATOM   106 N N1    . A   A 1 5  ? 2.87500   10.47578  6.21938   1.000 12.90200 ? 5   A   A N1    1 
ATOM   107 C C2    . A   A 1 5  ? 3.19412   10.39474  7.50020   1.000 15.48242 ? 5   A   A C2    1 
ATOM   108 N N3    . A   A 1 5  ? 4.21072   9.76992   8.05533   1.000 15.35716 ? 5   A   A N3    1 
ATOM   109 C C4    . A   A 1 5  ? 4.96855   9.19534   7.13097   1.000 12.00588 ? 5   A   A C4    1 
ATOM   110 P P     . A   A 1 6  ? 5.56333   3.53156   8.92470   1.000 19.04283 ? 6   A   A P     1 
ATOM   111 O OP1   . A   A 1 6  ? 5.81404   2.35850   9.79630   1.000 23.81508 ? 6   A   A OP1   1 
ATOM   112 O OP2   . A   A 1 6  ? 5.56137   3.30547   7.48467   1.000 16.01879 ? 6   A   A OP2   1 
ATOM   113 O "O5'" . A   A 1 6  ? 4.09494   4.11737   9.20795   1.000 18.37684 ? 6   A   A "O5'" 1 
ATOM   114 C "C5'" . A   A 1 6  ? 3.65315   4.40499   10.50732  1.000 22.39568 ? 6   A   A "C5'" 1 
ATOM   115 C "C4'" . A   A 1 6  ? 2.37561   5.20166   10.51259  1.000 18.30425 ? 6   A   A "C4'" 1 
ATOM   116 O "O4'" . A   A 1 6  ? 2.55932   6.48456   9.88480   1.000 14.36423 ? 6   A   A "O4'" 1 
ATOM   117 C "C3'" . A   A 1 6  ? 1.17814   4.63847   9.78736   1.000 15.02094 ? 6   A   A "C3'" 1 
ATOM   118 O "O3'" . A   A 1 6  ? 0.62743   3.55968   10.49940  1.000 18.72071 ? 6   A   A "O3'" 1 
ATOM   119 C "C2'" . A   A 1 6  ? 0.27447   5.86911   9.73151   1.000 14.13411 ? 6   A   A "C2'" 1 
ATOM   120 O "O2'" . A   A 1 6  ? -0.25012  6.16665   10.99822  1.000 20.98914 ? 6   A   A "O2'" 1 
ATOM   121 C "C1'" . A   A 1 6  ? 1.31583   6.95291   9.41109   1.000 15.80699 ? 6   A   A "C1'" 1 
ATOM   122 N N9    . A   A 1 6  ? 1.43236   7.09729   7.96357   1.000 14.59354 ? 6   A   A N9    1 
ATOM   123 C C8    . A   A 1 6  ? 2.35307   6.53289   7.14246   1.000 18.02144 ? 6   A   A C8    1 
ATOM   124 N N7    . A   A 1 6  ? 2.26448   6.75573   5.85703   1.000 19.70987 ? 6   A   A N7    1 
ATOM   125 C C5    . A   A 1 6  ? 1.14512   7.54070   5.82009   1.000 15.24822 ? 6   A   A C5    1 
ATOM   126 C C6    . A   A 1 6  ? 0.51551   8.13639   4.68099   1.000 16.06572 ? 6   A   A C6    1 
ATOM   127 N N6    . A   A 1 6  ? 0.92723   8.00148   3.41521   1.000 22.55617 ? 6   A   A N6    1 
ATOM   128 N N1    . A   A 1 6  ? -0.58354  8.86711   4.94028   1.000 14.46818 ? 6   A   A N1    1 
ATOM   129 C C2    . A   A 1 6  ? -0.98700  9.00994   6.20351   1.000 17.52949 ? 6   A   A C2    1 
ATOM   130 N N3    . A   A 1 6  ? -0.48043  8.49965   7.33817   1.000 26.54118 ? 6   A   A N3    1 
ATOM   131 C C4    . A   A 1 6  ? 0.61203   7.78190   7.06265   1.000 19.38146 ? 6   A   A C4    1 
ATOM   132 P P     . G   A 1 7  ? -0.25561  2.46466   9.76611   1.000 19.71543 ? 7   G   A P     1 
ATOM   133 O OP1   . G   A 1 7  ? -0.68338  1.38175   10.71239  1.000 25.69346 ? 7   G   A OP1   1 
ATOM   134 O OP2   . G   A 1 7  ? 0.14895   2.20534   8.40529   1.000 17.34976 ? 7   G   A OP2   1 
ATOM   135 O "O5'" . G   A 1 7  ? -1.60132  3.26276   9.68674   1.000 25.82004 ? 7   G   A "O5'" 1 
ATOM   136 C "C5'" . G   A 1 7  ? -2.34222  3.17595   8.54787   1.000 18.78089 ? 7   G   A "C5'" 1 
ATOM   137 C "C4'" . G   A 1 7  ? -3.46747  4.14172   8.59232   1.000 14.66493 ? 7   G   A "C4'" 1 
ATOM   138 O "O4'" . G   A 1 7  ? -2.97147  5.45735   8.25620   1.000 14.84071 ? 7   G   A "O4'" 1 
ATOM   139 C "C3'" . G   A 1 7  ? -4.46533  3.79794   7.52526   1.000 16.94771 ? 7   G   A "C3'" 1 
ATOM   140 O "O3'" . G   A 1 7  ? -5.43126  2.90371   8.04685   1.000 13.69063 ? 7   G   A "O3'" 1 
ATOM   141 C "C2'" . G   A 1 7  ? -4.99224  5.15052   7.09649   1.000 14.07683 ? 7   G   A "C2'" 1 
ATOM   142 O "O2'" . G   A 1 7  ? -5.91998  5.58090   8.06051   1.000 13.72953 ? 7   G   A "O2'" 1 
ATOM   143 C "C1'" . G   A 1 7  ? -3.73176  5.98856   7.20963   1.000 14.56465 ? 7   G   A "C1'" 1 
ATOM   144 N N9    . G   A 1 7  ? -2.90841  5.91222   6.00383   1.000 15.93983 ? 7   G   A N9    1 
ATOM   145 C C8    . G   A 1 7  ? -1.68102  5.33394   5.85237   1.000 13.36005 ? 7   G   A C8    1 
ATOM   146 N N7    . G   A 1 7  ? -1.19414  5.44316   4.65395   1.000 13.65036 ? 7   G   A N7    1 
ATOM   147 C C5    . G   A 1 7  ? -2.18375  6.16741   3.99191   1.000 13.60689 ? 7   G   A C5    1 
ATOM   148 C C6    . G   A 1 7  ? -2.25732  6.64930   2.65384   1.000 12.39480 ? 7   G   A C6    1 
ATOM   149 O O6    . G   A 1 7  ? -1.40365  6.50852   1.76414   1.000 14.56814 ? 7   G   A O6    1 
ATOM   150 N N1    . G   A 1 7  ? -3.44820  7.32035   2.38484   1.000 11.93325 ? 7   G   A N1    1 
ATOM   151 C C2    . G   A 1 7  ? -4.43349  7.51774   3.30700   1.000 11.09502 ? 7   G   A C2    1 
ATOM   152 N N2    . G   A 1 7  ? -5.50087  8.19229   2.90842   1.000 12.65413 ? 7   G   A N2    1 
ATOM   153 N N3    . G   A 1 7  ? -4.33814  7.12196   4.52785   1.000 13.74903 ? 7   G   A N3    1 
ATOM   154 C C4    . G   A 1 7  ? -3.21294  6.46970   4.80269   1.000 13.43575 ? 7   G   A C4    1 
ATOM   155 P P     . A   A 1 8  ? -6.04072  1.76839   7.12646   1.000 15.88067 ? 8   A   A P     1 
ATOM   156 O OP1   . A   A 1 8  ? -6.88044  0.90750   8.00313   1.000 17.95659 ? 8   A   A OP1   1 
ATOM   157 O OP2   . A   A 1 8  ? -4.93324  1.21875   6.33513   1.000 17.42539 ? 8   A   A OP2   1 
ATOM   158 O "O5'" . A   A 1 8  ? -6.94430  2.62323   6.16666   1.000 15.34753 ? 8   A   A "O5'" 1 
ATOM   159 C "C5'" . A   A 1 8  ? -8.10334  3.29020   6.63670   1.000 16.18682 ? 8   A   A "C5'" 1 
ATOM   160 C "C4'" . A   A 1 8  ? -8.73035  4.08563   5.52282   1.000 14.68117 ? 8   A   A "C4'" 1 
ATOM   161 O "O4'" . A   A 1 8  ? -7.79464  5.06914   5.01253   1.000 15.39296 ? 8   A   A "O4'" 1 
ATOM   162 C "C3'" . A   A 1 8  ? -9.08683  3.28657   4.27771   1.000 16.17583 ? 8   A   A "C3'" 1 
ATOM   163 O "O3'" . A   A 1 8  ? -10.30430 2.61531   4.45557   1.000 15.84229 ? 8   A   A "O3'" 1 
ATOM   164 C "C2'" . A   A 1 8  ? -9.17891  4.37348   3.23171   1.000 14.74219 ? 8   A   A "C2'" 1 
ATOM   165 O "O2'" . A   A 1 8  ? -10.37887 5.11903   3.41407   1.000 18.97064 ? 8   A   A "O2'" 1 
ATOM   166 C "C1'" . A   A 1 8  ? -7.98798  5.23259   3.62348   1.000 18.30105 ? 8   A   A "C1'" 1 
ATOM   167 N N9    . A   A 1 8  ? -6.73438  4.78602   2.99881   1.000 13.92517 ? 8   A   A N9    1 
ATOM   168 C C8    . A   A 1 8  ? -5.72482  4.08886   3.57902   1.000 14.60446 ? 8   A   A C8    1 
ATOM   169 N N7    . A   A 1 8  ? -4.67883  3.91906   2.81543   1.000 14.38800 ? 8   A   A N7    1 
ATOM   170 C C5    . A   A 1 8  ? -5.03786  4.55167   1.64682   1.000 13.09259 ? 8   A   A C5    1 
ATOM   171 C C6    . A   A 1 8  ? -4.40043  4.78198   0.39852   1.000 9.64129  ? 8   A   A C6    1 
ATOM   172 N N6    . A   A 1 8  ? -3.20175  4.36669   0.11677   1.000 13.06746 ? 8   A   A N6    1 
ATOM   173 N N1    . A   A 1 8  ? -5.09734  5.45848   -0.50816  1.000 13.35348 ? 8   A   A N1    1 
ATOM   174 C C2    . A   A 1 8  ? -6.30350  5.93098   -0.22756  1.000 14.46267 ? 8   A   A C2    1 
ATOM   175 N N3    . A   A 1 8  ? -7.01889  5.82365   0.88822   1.000 14.76026 ? 8   A   A N3    1 
ATOM   176 C C4    . A   A 1 8  ? -6.30975  5.10114   1.75182   1.000 13.13387 ? 8   A   A C4    1 
ATOM   177 P P     . U   A 1 9  ? -10.53586 1.18912   3.81473   1.000 18.66528 ? 9   U   A P     1 
ATOM   178 O OP1   . U   A 1 9  ? -11.77717 0.68555   4.43570   1.000 21.03612 ? 9   U   A OP1   1 
ATOM   179 O OP2   . U   A 1 9  ? -9.37356  0.33137   3.87020   1.000 17.51820 ? 9   U   A OP2   1 
ATOM   180 O "O5'" . U   A 1 9  ? -10.78027 1.52947   2.29445   1.000 18.57761 ? 9   U   A "O5'" 1 
ATOM   181 C "C5'" . U   A 1 9  ? -11.88878 2.28167   1.88777   1.000 20.08065 ? 9   U   A "C5'" 1 
ATOM   182 C "C4'" . U   A 1 9  ? -11.66751 2.74291   0.47951   1.000 21.62720 ? 9   U   A "C4'" 1 
ATOM   183 O "O4'" . U   A 1 9  ? -10.49970 3.61261   0.39511   1.000 21.15206 ? 9   U   A "O4'" 1 
ATOM   184 C "C3'" . U   A 1 9  ? -11.35699 1.66301   -0.54482  1.000 20.20920 ? 9   U   A "C3'" 1 
ATOM   185 O "O3'" . U   A 1 9  ? -12.49676 0.92314   -0.91397  1.000 20.50549 ? 9   U   A "O3'" 1 
ATOM   186 C "C2'" . U   A 1 9  ? -10.75791 2.47995   -1.66666  1.000 20.55771 ? 9   U   A "C2'" 1 
ATOM   187 O "O2'" . U   A 1 9  ? -11.77243 3.22428   -2.32435  1.000 23.42694 ? 9   U   A "O2'" 1 
ATOM   188 C "C1'" . U   A 1 9  ? -9.89121  3.45244   -0.87217  1.000 18.24171 ? 9   U   A "C1'" 1 
ATOM   189 N N1    . U   A 1 9  ? -8.54512  2.91870   -0.65953  1.000 15.86529 ? 9   U   A N1    1 
ATOM   190 C C2    . U   A 1 9  ? -7.65176  3.07183   -1.69485  1.000 16.82839 ? 9   U   A C2    1 
ATOM   191 O O2    . U   A 1 9  ? -7.93606  3.62611   -2.73292  1.000 19.59703 ? 9   U   A O2    1 
ATOM   192 N N3    . U   A 1 9  ? -6.41793  2.58115   -1.44712  1.000 15.22481 ? 9   U   A N3    1 
ATOM   193 C C4    . U   A 1 9  ? -5.99621  1.97462   -0.31943  1.000 13.96830 ? 9   U   A C4    1 
ATOM   194 O O4    . U   A 1 9  ? -4.86649  1.57849   -0.22380  1.000 14.62911 ? 9   U   A O4    1 
ATOM   195 C C5    . U   A 1 9  ? -6.97374  1.79957   0.71929   1.000 12.53018 ? 9   U   A C5    1 
ATOM   196 C C6    . U   A 1 9  ? -8.20743  2.28581   0.50015   1.000 15.60595 ? 9   U   A C6    1 
ATOM   197 P P     . C   A 1 10 ? -12.38022 -0.61430  -1.31464  1.000 23.21729 ? 10  C   A P     1 
ATOM   198 O OP1   . C   A 1 10 ? -13.81642 -0.97133  -1.57401  1.000 24.31981 ? 10  C   A OP1   1 
ATOM   199 O OP2   . C   A 1 10 ? -11.50069 -1.38783  -0.42443  1.000 20.80249 ? 10  C   A OP2   1 
ATOM   200 O "O5'" . C   A 1 10 ? -11.64006 -0.57805  -2.72351  1.000 19.53602 ? 10  C   A "O5'" 1 
ATOM   201 C "C5'" . C   A 1 10 ? -12.25307 0.04724   -3.81603  1.000 19.86696 ? 10  C   A "C5'" 1 
ATOM   202 C "C4'" . C   A 1 10 ? -11.26505 0.15860   -4.93629  1.000 20.77802 ? 10  C   A "C4'" 1 
ATOM   203 O "O4'" . C   A 1 10 ? -10.15280 0.99566   -4.53705  1.000 19.85844 ? 10  C   A "O4'" 1 
ATOM   204 C "C3'" . C   A 1 10 ? -10.59729 -1.11924  -5.39624  1.000 20.69091 ? 10  C   A "C3'" 1 
ATOM   205 O "O3'" . C   A 1 10 ? -11.42088 -1.89013  -6.24902  1.000 24.90014 ? 10  C   A "O3'" 1 
ATOM   206 C "C2'" . C   A 1 10 ? -9.37332  -0.58616  -6.09454  1.000 16.93204 ? 10  C   A "C2'" 1 
ATOM   207 O "O2'" . C   A 1 10 ? -9.74719  0.01623   -7.30616  1.000 23.32254 ? 10  C   A "O2'" 1 
ATOM   208 C "C1'" . C   A 1 10 ? -8.98208  0.54573   -5.16122  1.000 17.05034 ? 10  C   A "C1'" 1 
ATOM   209 N N1    . C   A 1 10 ? -8.01512  0.07180   -4.14992  1.000 15.65805 ? 10  C   A N1    1 
ATOM   210 C C2    . C   A 1 10 ? -6.67707  0.00439   -4.59811  1.000 14.86021 ? 10  C   A C2    1 
ATOM   211 O O2    . C   A 1 10 ? -6.40671  0.31944   -5.77695  1.000 15.82718 ? 10  C   A O2    1 
ATOM   212 N N3    . C   A 1 10 ? -5.77492  -0.42706  -3.71643  1.000 13.93619 ? 10  C   A N3    1 
ATOM   213 C C4    . C   A 1 10 ? -6.12562  -0.79218  -2.47792  1.000 11.65541 ? 10  C   A C4    1 
ATOM   214 N N4    . C   A 1 10 ? -5.12685  -1.19440  -1.67103  1.000 14.70089 ? 10  C   A N4    1 
ATOM   215 C C5    . C   A 1 10 ? -7.49054  -0.70704  -2.01002  1.000 13.63582 ? 10  C   A C5    1 
ATOM   216 C C6    . C   A 1 10 ? -8.39326  -0.31018  -2.89973  1.000 15.52244 ? 10  C   A C6    1 
ATOM   217 P P     . U   A 1 11 ? -11.31669 -3.47410  -6.18595  1.000 25.59812 ? 11  U   A P     1 
ATOM   218 O OP1   . U   A 1 11 ? -12.40459 -3.97508  -7.05501  1.000 28.04530 ? 11  U   A OP1   1 
ATOM   219 O OP2   . U   A 1 11 ? -11.14004 -3.99515  -4.81950  1.000 28.63692 ? 11  U   A OP2   1 
ATOM   220 O "O5'" . U   A 1 11 ? -9.93379  -3.78961  -6.88472  1.000 21.23610 ? 11  U   A "O5'" 1 
ATOM   221 C "C5'" . U   A 1 11 ? -9.70143  -3.38801  -8.21428  1.000 19.96338 ? 11  U   A "C5'" 1 
ATOM   222 C "C4'" . U   A 1 11 ? -8.25193  -3.47728  -8.55702  1.000 21.12644 ? 11  U   A "C4'" 1 
ATOM   223 O "O4'" . U   A 1 11 ? -7.48828  -2.64082  -7.66247  1.000 17.47283 ? 11  U   A "O4'" 1 
ATOM   224 C "C3'" . U   A 1 11 ? -7.56396  -4.81589  -8.40640  1.000 16.76654 ? 11  U   A "C3'" 1 
ATOM   225 O "O3'" . U   A 1 11 ? -7.93486  -5.71220  -9.42086  1.000 16.76314 ? 11  U   A "O3'" 1 
ATOM   226 C "C2'" . U   A 1 11 ? -6.10908  -4.37085  -8.50044  1.000 19.07280 ? 11  U   A "C2'" 1 
ATOM   227 O "O2'" . U   A 1 11 ? -5.82811  -3.95767  -9.83571  1.000 23.08679 ? 11  U   A "O2'" 1 
ATOM   228 C "C1'" . U   A 1 11 ? -6.16023  -3.09939  -7.64196  1.000 15.94496 ? 11  U   A "C1'" 1 
ATOM   229 N N1    . U   A 1 11 ? -5.82007  -3.34715  -6.26370  1.000 16.73515 ? 11  U   A N1    1 
ATOM   230 C C2    . U   A 1 11 ? -4.45237  -3.49043  -6.04127  1.000 16.13849 ? 11  U   A C2    1 
ATOM   231 O O2    . U   A 1 11 ? -3.67684  -3.43366  -6.92494  1.000 22.54943 ? 11  U   A O2    1 
ATOM   232 N N3    . U   A 1 11 ? -4.13331  -3.71882  -4.80949  1.000 14.82734 ? 11  U   A N3    1 
ATOM   233 C C4    . U   A 1 11 ? -4.96662  -3.82531  -3.73865  1.000 17.09438 ? 11  U   A C4    1 
ATOM   234 O O4    . U   A 1 11 ? -4.46025  -4.02895  -2.63387  1.000 25.51447 ? 11  U   A O4    1 
ATOM   235 C C5    . U   A 1 11 ? -6.35077  -3.67319  -4.01452  1.000 22.53638 ? 11  U   A C5    1 
ATOM   236 C C6    . U   A 1 11 ? -6.71346  -3.43108  -5.27968  1.000 15.04262 ? 11  U   A C6    1 
ATOM   237 P P     . U   A 1 12 ? -7.85198  -7.29050  -9.23619  1.000 18.48334 ? 12  U   A P     1 
ATOM   238 O OP1   . U   A 1 12 ? -8.60221  -7.72772  -10.43868 1.000 20.87860 ? 12  U   A OP1   1 
ATOM   239 O OP2   . U   A 1 12 ? -8.21850  -7.68976  -7.89333  1.000 17.53880 ? 12  U   A OP2   1 
ATOM   240 O "O5'" . U   A 1 12 ? -6.33533  -7.67836  -9.45328  1.000 13.02750 ? 12  U   A "O5'" 1 
ATOM   241 C "C5'" . U   A 1 12 ? -5.72844  -7.62444  -10.72862 1.000 16.68969 ? 12  U   A "C5'" 1 
ATOM   242 C "C4'" . U   A 1 12 ? -4.29881  -8.05040  -10.58952 1.000 13.60150 ? 12  U   A "C4'" 1 
ATOM   243 O "O4'" . U   A 1 12 ? -3.61242  -7.10347  -9.73996  1.000 14.76165 ? 12  U   A "O4'" 1 
ATOM   244 C "C3'" . U   A 1 12 ? -4.06756  -9.36006  -9.87835  1.000 15.67711 ? 12  U   A "C3'" 1 
ATOM   245 O "O3'" . U   A 1 12 ? -4.26611  -10.44073 -10.73852 1.000 15.58981 ? 12  U   A "O3'" 1 
ATOM   246 C "C2'" . U   A 1 12 ? -2.63800  -9.23025  -9.46129  1.000 13.80524 ? 12  U   A "C2'" 1 
ATOM   247 O "O2'" . U   A 1 12 ? -1.82650  -9.26385  -10.62967 1.000 16.44606 ? 12  U   A "O2'" 1 
ATOM   248 C "C1'" . U   A 1 12 ? -2.62775  -7.78433  -8.98561  1.000 17.31918 ? 12  U   A "C1'" 1 
ATOM   249 N N1    . U   A 1 12 ? -2.91885  -7.60691  -7.54551  1.000 14.87293 ? 12  U   A N1    1 
ATOM   250 C C2    . U   A 1 12 ? -1.87881  -7.73653  -6.66565  1.000 15.77837 ? 12  U   A C2    1 
ATOM   251 O O2    . U   A 1 12 ? -0.76350  -8.09040  -7.01752  1.000 17.20883 ? 12  U   A O2    1 
ATOM   252 N N3    . U   A 1 12 ? -2.16375  -7.52095  -5.34731  1.000 12.31210 ? 12  U   A N3    1 
ATOM   253 C C4    . U   A 1 12 ? -3.40138  -7.12910  -4.85228  1.000 12.76844 ? 12  U   A C4    1 
ATOM   254 O O4    . U   A 1 12 ? -3.56713  -6.99407  -3.65161  1.000 14.84484 ? 12  U   A O4    1 
ATOM   255 C C5    . U   A 1 12 ? -4.43894  -6.98514  -5.83614  1.000 13.82371 ? 12  U   A C5    1 
ATOM   256 C C6    . U   A 1 12 ? -4.19191  -7.25252  -7.13220  1.000 15.39531 ? 12  U   A C6    1 
ATOM   257 P P     . C   A 1 13 ? -4.81521  -11.78202 -10.17474 1.000 14.90563 ? 13  C   A P     1 
ATOM   258 O OP1   . C   A 1 13 ? -5.19322  -12.51581 -11.43826 1.000 16.73668 ? 13  C   A OP1   1 
ATOM   259 O OP2   . C   A 1 13 ? -5.74998  -11.69090 -9.05128  1.000 16.11637 ? 13  C   A OP2   1 
ATOM   260 O "O5'" . C   A 1 13 ? -3.61518  -12.43874 -9.41516  1.000 16.18303 ? 13  C   A "O5'" 1 
ATOM   261 C "C5'" . C   A 1 13 ? -2.47504  -12.81252 -10.12329 1.000 15.31193 ? 13  C   A "C5'" 1 
ATOM   262 C "C4'" . C   A 1 13 ? -1.36325  -13.11425 -9.18051  1.000 12.94588 ? 13  C   A "C4'" 1 
ATOM   263 O "O4'" . C   A 1 13 ? -1.01171  -11.92482 -8.42023  1.000 14.05301 ? 13  C   A "O4'" 1 
ATOM   264 C "C3'" . C   A 1 13 ? -1.60980  -14.17126 -8.11530  1.000 14.73276 ? 13  C   A "C3'" 1 
ATOM   265 O "O3'" . C   A 1 13 ? -1.56509  -15.49146 -8.61729  1.000 10.71697 ? 13  C   A "O3'" 1 
ATOM   266 C "C2'" . C   A 1 13 ? -0.47945  -13.84993 -7.15242  1.000 10.81375 ? 13  C   A "C2'" 1 
ATOM   267 O "O2'" . C   A 1 13 ? 0.79529   -14.22715 -7.64077  1.000 14.00674 ? 13  C   A "O2'" 1 
ATOM   268 C "C1'" . C   A 1 13 ? -0.50393  -12.32334 -7.17082  1.000 13.30913 ? 13  C   A "C1'" 1 
ATOM   269 N N1    . C   A 1 13 ? -1.34755  -11.74219 -6.11520  1.000 11.88330 ? 13  C   A N1    1 
ATOM   270 C C2    . C   A 1 13 ? -0.76431  -11.66461 -4.84592  1.000 11.18806 ? 13  C   A C2    1 
ATOM   271 O O2    . C   A 1 13 ? 0.39666   -12.12624 -4.67090  1.000 14.32771 ? 13  C   A O2    1 
ATOM   272 N N3    . C   A 1 13 ? -1.50169  -11.09261 -3.86070  1.000 12.84732 ? 13  C   A N3    1 
ATOM   273 C C4    . C   A 1 13 ? -2.73393  -10.65319 -4.10403  1.000 12.50773 ? 13  C   A C4    1 
ATOM   274 N N4    . C   A 1 13 ? -3.37623  -10.08750 -3.09791  1.000 12.93564 ? 13  C   A N4    1 
ATOM   275 C C5    . C   A 1 13 ? -3.34800  -10.75646 -5.39568  1.000 14.31109 ? 13  C   A C5    1 
ATOM   276 C C6    . C   A 1 13 ? -2.61508  -11.31304 -6.34482  1.000 12.81447 ? 13  C   A C6    1 
ATOM   277 P P     . U   A 1 14 ? -2.36732  -16.66412 -7.93752  1.000 11.67460 ? 14  U   A P     1 
ATOM   278 O OP1   . U   A 1 14 ? -2.30651  -17.85180 -8.80367  1.000 12.04998 ? 14  U   A OP1   1 
ATOM   279 O OP2   . U   A 1 14 ? -3.64860  -16.10866 -7.59010  1.000 12.21937 ? 14  U   A OP2   1 
ATOM   280 O "O5'" . U   A 1 14 ? -1.69602  -16.92431 -6.51879  1.000 11.20903 ? 14  U   A "O5'" 1 
ATOM   281 C "C5'" . U   A 1 14 ? -0.42674  -17.51589 -6.49440  1.000 11.69251 ? 14  U   A "C5'" 1 
ATOM   282 C "C4'" . U   A 1 14 ? 0.14898   -17.50483 -5.11333  1.000 8.46603  ? 14  U   A "C4'" 1 
ATOM   283 O "O4'" . U   A 1 14 ? 0.25971   -16.15324 -4.64249  1.000 11.14206 ? 14  U   A "O4'" 1 
ATOM   284 C "C3'" . U   A 1 14 ? -0.61404  -18.21228 -4.00468  1.000 8.59614  ? 14  U   A "C3'" 1 
ATOM   285 O "O3'" . U   A 1 14 ? -0.42520  -19.59820 -4.03248  1.000 8.84147  ? 14  U   A "O3'" 1 
ATOM   286 C "C2'" . U   A 1 14 ? 0.00433   -17.55790 -2.78477  1.000 8.48528  ? 14  U   A "C2'" 1 
ATOM   287 O "O2'" . U   A 1 14 ? 1.35958   -17.99890 -2.69237  1.000 9.93180  ? 14  U   A "O2'" 1 
ATOM   288 C "C1'" . U   A 1 14 ? 0.05239   -16.12428 -3.23878  1.000 8.64628  ? 14  U   A "C1'" 1 
ATOM   289 N N1    . U   A 1 14 ? -1.17637  -15.34214 -2.96931  1.000 7.83057  ? 14  U   A N1    1 
ATOM   290 C C2    . U   A 1 14 ? -1.27173  -14.83813 -1.68012  1.000 9.09280  ? 14  U   A C2    1 
ATOM   291 O O2    . U   A 1 14 ? -0.47482  -15.08000 -0.78936  1.000 8.64553  ? 14  U   A O2    1 
ATOM   292 N N3    . U   A 1 14 ? -2.34206  -14.00552 -1.48132  1.000 7.80482  ? 14  U   A N3    1 
ATOM   293 C C4    . U   A 1 14 ? -3.31605  -13.69298 -2.41305  1.000 7.80464  ? 14  U   A C4    1 
ATOM   294 O O4    . U   A 1 14 ? -4.24116  -12.96968 -2.04652  1.000 10.21588 ? 14  U   A O4    1 
ATOM   295 C C5    . U   A 1 14 ? -3.14298  -14.25937 -3.71341  1.000 8.23967  ? 14  U   A C5    1 
ATOM   296 C C6    . U   A 1 14 ? -2.10816  -15.05867 -3.93889  1.000 9.57613  ? 14  U   A C6    1 
HETATM 297 P P     . RSP A 1 15 ? -1.46083  -20.61251 -3.41885  1.000 11.33104 ? 15  RSP A P     1 
HETATM 298 N N1    . RSP A 1 15 ? -1.93225  -17.96192 0.96773   1.000 6.52034  ? 15  RSP A N1    1 
HETATM 299 C C2    . RSP A 1 15 ? -2.45717  -17.05322 1.91532   1.000 9.30300  ? 15  RSP A C2    1 
HETATM 300 S S2    . RSP A 1 15 ? -1.82097  -16.94493 3.37910   1.000 9.37325  ? 15  RSP A S2    1 
HETATM 301 N N3    . RSP A 1 15 ? -3.58897  -16.32201 1.50505   1.000 7.69990  ? 15  RSP A N3    1 
HETATM 302 C C4    . RSP A 1 15 ? -4.06112  -16.46019 0.21833   1.000 8.15584  ? 15  RSP A C4    1 
HETATM 303 N N4    . RSP A 1 15 ? -5.12224  -15.63814 -0.11901  1.000 8.08990  ? 15  RSP A N4    1 
HETATM 304 C C5    . RSP A 1 15 ? -3.54582  -17.36494 -0.75957  1.000 7.82007  ? 15  RSP A C5    1 
HETATM 305 C C6    . RSP A 1 15 ? -2.46408  -18.14486 -0.32639  1.000 7.72283  ? 15  RSP A C6    1 
HETATM 306 C "C1'" . RSP A 1 15 ? -0.70215  -18.63982 1.35192   1.000 9.09309  ? 15  RSP A "C1'" 1 
HETATM 307 C "C2'" . RSP A 1 15 ? -0.93207  -19.88077 2.18526   1.000 9.00721  ? 15  RSP A "C2'" 1 
HETATM 308 O "O2'" . RSP A 1 15 ? 0.24606   -20.09888 2.95408   1.000 11.11304 ? 15  RSP A "O2'" 1 
HETATM 309 C "C3'" . RSP A 1 15 ? -1.06304  -20.90741 1.09396   1.000 9.30748  ? 15  RSP A "C3'" 1 
HETATM 310 O "O3'" . RSP A 1 15 ? -0.88066  -22.21719 1.57444   1.000 9.78134  ? 15  RSP A "O3'" 1 
HETATM 311 C "C4'" . RSP A 1 15 ? 0.04878   -20.48448 0.15668   1.000 9.30825  ? 15  RSP A "C4'" 1 
HETATM 312 O "O4'" . RSP A 1 15 ? -0.04123  -19.05496 0.16436   1.000 10.27515 ? 15  RSP A "O4'" 1 
HETATM 313 C "C5'" . RSP A 1 15 ? -0.04157  -20.99778 -1.26327  1.000 11.55279 ? 15  RSP A "C5'" 1 
HETATM 314 O "O5'" . RSP A 1 15 ? -1.24129  -20.52099 -1.85593  1.000 9.98297  ? 15  RSP A "O5'" 1 
HETATM 315 O OP1   . RSP A 1 15 ? -1.05312  -21.94872 -3.91372  1.000 14.69250 ? 15  RSP A OP1   1 
HETATM 316 O OP2   . RSP A 1 15 ? -2.84830  -20.14651 -3.62552  1.000 14.57553 ? 15  RSP A OP2   1 
ATOM   317 P P     . U   A 1 16 ? -2.11633  -23.15437 1.82690   1.000 10.14394 ? 16  U   A P     1 
ATOM   318 O OP1   . U   A 1 16 ? -1.52859  -24.42845 2.28513   1.000 11.91342 ? 16  U   A OP1   1 
ATOM   319 O OP2   . U   A 1 16 ? -3.02749  -23.11428 0.67556   1.000 11.04719 ? 16  U   A OP2   1 
ATOM   320 O "O5'" . U   A 1 16 ? -2.95133  -22.44453 2.99275   1.000 8.93041  ? 16  U   A "O5'" 1 
ATOM   321 C "C5'" . U   A 1 16 ? -2.38922  -22.37014 4.31272   1.000 8.03036  ? 16  U   A "C5'" 1 
ATOM   322 C "C4'" . U   A 1 16 ? -3.26870  -21.59228 5.23672   1.000 7.67905  ? 16  U   A "C4'" 1 
ATOM   323 O "O4'" . U   A 1 16 ? -3.31100  -20.24550 4.77648   1.000 6.72904  ? 16  U   A "O4'" 1 
ATOM   324 C "C3'" . U   A 1 16 ? -4.72576  -21.99846 5.27529   1.000 8.06227  ? 16  U   A "C3'" 1 
ATOM   325 O "O3'" . U   A 1 16 ? -4.93908  -23.12608 6.09633   1.000 10.04780 ? 16  U   A "O3'" 1 
ATOM   326 C "C2'" . U   A 1 16 ? -5.35838  -20.76643 5.82557   1.000 8.00506  ? 16  U   A "C2'" 1 
ATOM   327 O "O2'" . U   A 1 16 ? -5.07941  -20.67780 7.21672   1.000 10.84186 ? 16  U   A "O2'" 1 
ATOM   328 C "C1'" . U   A 1 16 ? -4.55449  -19.68756 5.11056   1.000 7.34084  ? 16  U   A "C1'" 1 
ATOM   329 N N1    . U   A 1 16 ? -5.17230  -19.26093 3.82720   1.000 6.38262  ? 16  U   A N1    1 
ATOM   330 C C2    . U   A 1 16 ? -6.11707  -18.26998 3.93346   1.000 7.47705  ? 16  U   A C2    1 
ATOM   331 O O2    . U   A 1 16 ? -6.46882  -17.77879 4.99585   1.000 8.79108  ? 16  U   A O2    1 
ATOM   332 N N3    . U   A 1 16 ? -6.67176  -17.87222 2.78314   1.000 6.95083  ? 16  U   A N3    1 
ATOM   333 C C4    . U   A 1 16 ? -6.45835  -18.39100 1.55220   1.000 7.25717  ? 16  U   A C4    1 
ATOM   334 O O4    . U   A 1 16 ? -7.09055  -17.94473 0.57392   1.000 8.84843  ? 16  U   A O4    1 
ATOM   335 C C5    . U   A 1 16 ? -5.46925  -19.45814 1.48128   1.000 7.99411  ? 16  U   A C5    1 
ATOM   336 C C6    . U   A 1 16 ? -4.86503  -19.82447 2.61113   1.000 6.87868  ? 16  U   A C6    1 
HETATM 337 O O     . HOH B 2 .  ? -2.32895  -3.93036  -8.55240  1.000 27.17014 ? 101 HOH A O     1 
HETATM 338 O O     . HOH B 2 .  ? 1.05974   2.87511   6.41115   1.000 34.52246 ? 102 HOH A O     1 
HETATM 339 O O     . HOH B 2 .  ? -8.22166  5.59192   -3.94655  0.500 23.30691 ? 103 HOH A O     1 
HETATM 340 O O     . HOH B 2 .  ? 7.41189   2.69930   11.48934  1.000 28.90418 ? 104 HOH A O     1 
HETATM 341 O O     . HOH B 2 .  ? 8.02970   6.23984   2.56284   1.000 32.25822 ? 105 HOH A O     1 
HETATM 342 O O     . HOH B 2 .  ? -3.80122  -19.51018 -9.83100  1.000 22.69449 ? 106 HOH A O     1 
HETATM 343 O O     . HOH B 2 .  ? -7.48580  -13.15214 -12.13191 1.000 30.34359 ? 107 HOH A O     1 
HETATM 344 O O     . HOH B 2 .  ? 6.76056   10.54720  -7.92866  1.000 20.43561 ? 108 HOH A O     1 
HETATM 345 O O     . HOH B 2 .  ? -1.29705  4.83990   12.87416  0.330 17.87051 ? 109 HOH A O     1 
HETATM 346 O O     . HOH B 2 .  ? -6.52512  -12.35377 -2.93376  1.000 21.43852 ? 110 HOH A O     1 
HETATM 347 O O     . HOH B 2 .  ? -0.38643  -1.11783  11.02910  1.000 24.97449 ? 111 HOH A O     1 
HETATM 348 O O     . HOH B 2 .  ? 11.21865  17.29808  -7.71384  1.000 24.63512 ? 112 HOH A O     1 
HETATM 349 O O     . HOH B 2 .  ? -3.30771  0.49068   1.48450   1.000 25.71016 ? 113 HOH A O     1 
HETATM 350 O O     . HOH B 2 .  ? -5.34255  -16.91428 -5.82768  1.000 28.51413 ? 114 HOH A O     1 
HETATM 351 O O     . HOH B 2 .  ? 5.13170   11.38577  1.26143   1.000 20.75913 ? 115 HOH A O     1 
HETATM 352 O O     . HOH B 2 .  ? -5.24710  -7.19019  -1.67537  1.000 28.19967 ? 116 HOH A O     1 
HETATM 353 O O     . HOH B 2 .  ? 4.27407   1.07833   7.02346   1.000 37.57099 ? 117 HOH A O     1 
HETATM 354 O O     . HOH B 2 .  ? -7.91139  -6.49215  -5.59011  1.000 28.82093 ? 118 HOH A O     1 
HETATM 355 O O     . HOH B 2 .  ? -7.18214  -18.78443 -1.90413  1.000 19.67662 ? 119 HOH A O     1 
HETATM 356 O O     . HOH B 2 .  ? 5.64870   15.65834  -2.59381  1.000 28.70157 ? 120 HOH A O     1 
HETATM 357 O O     . HOH B 2 .  ? -4.80628  -18.40484 -3.76215  1.000 23.55541 ? 121 HOH A O     1 
HETATM 358 O O     . HOH B 2 .  ? 5.89539   12.22839  -1.09167  1.000 12.39890 ? 122 HOH A O     1 
HETATM 359 O O     . HOH B 2 .  ? -7.26744  -1.66905  7.59203   1.000 31.81749 ? 123 HOH A O     1 
HETATM 360 O O     . HOH B 2 .  ? 5.95897   7.22672   2.81755   1.000 25.65947 ? 124 HOH A O     1 
HETATM 361 O O     . HOH B 2 .  ? 0.89927   5.47439   0.95618   1.000 27.08614 ? 125 HOH A O     1 
HETATM 362 O O     . HOH B 2 .  ? 11.60825  18.07224  -5.41646  1.000 20.95571 ? 126 HOH A O     1 
HETATM 363 O O     . HOH B 2 .  ? 11.43475  3.26127   1.01533   1.000 25.30860 ? 127 HOH A O     1 
HETATM 364 O O     . HOH B 2 .  ? 12.61520  8.19805   -5.73846  1.000 32.23254 ? 128 HOH A O     1 
HETATM 365 O O     . HOH B 2 .  ? -2.24285  -23.98031 -1.73603  1.000 24.28540 ? 129 HOH A O     1 
HETATM 366 O O     . HOH B 2 .  ? 0.56696   -10.38835 -11.06800 1.000 23.47616 ? 130 HOH A O     1 
HETATM 367 O O     . HOH B 2 .  ? 0.72502   -24.52681 3.73501   1.000 20.47699 ? 131 HOH A O     1 
HETATM 368 O O     . HOH B 2 .  ? -7.51926  -23.59402 6.67947   1.000 14.37938 ? 132 HOH A O     1 
HETATM 369 O O     . HOH B 2 .  ? 1.35300   -16.27759 -9.31115  0.330 12.52128 ? 133 HOH A O     1 
HETATM 370 O O     . HOH B 2 .  ? 15.42926  8.87550   0.60983   1.000 19.59542 ? 134 HOH A O     1 
HETATM 371 O O     . HOH B 2 .  ? -7.53900  -17.71426 7.48914   1.000 26.99805 ? 135 HOH A O     1 
HETATM 372 O O     . HOH B 2 .  ? 4.69973   20.56540  -0.94152  1.000 30.18426 ? 136 HOH A O     1 
HETATM 373 O O     . HOH B 2 .  ? 12.68535  5.92830   8.25833   1.000 27.01686 ? 137 HOH A O     1 
HETATM 374 O O     . HOH B 2 .  ? 6.50999   12.21284  -3.50623  1.000 23.33018 ? 138 HOH A O     1 
HETATM 375 O O     . HOH B 2 .  ? 13.15193  12.33423  3.11880   1.000 11.41254 ? 139 HOH A O     1 
HETATM 376 O O     . HOH B 2 .  ? 14.69674  5.61968   0.44431   1.000 28.07913 ? 140 HOH A O     1 
HETATM 377 O O     . HOH B 2 .  ? 7.84544   9.12838   0.64122   1.000 22.86477 ? 141 HOH A O     1 
HETATM 378 O O     . HOH B 2 .  ? 13.96176  14.07095  -2.52209  1.000 14.29817 ? 142 HOH A O     1 
HETATM 379 O O     . HOH B 2 .  ? -6.54780  -4.73382  -0.93319  1.000 46.12951 ? 143 HOH A O     1 
HETATM 380 O O     . HOH B 2 .  ? 0.06823   8.04118   13.03336  0.330 14.12590 ? 144 HOH A O     1 
HETATM 381 O O     . HOH B 2 .  ? -8.87929  -10.36027 -11.30792 1.000 31.82714 ? 145 HOH A O     1 
HETATM 382 O O     . HOH B 2 .  ? 3.64260   9.51033   10.77382  1.000 27.81214 ? 146 HOH A O     1 
HETATM 383 O O     . HOH B 2 .  ? 0.95627   4.12419   3.46153   1.000 27.81616 ? 147 HOH A O     1 
HETATM 384 O O     . HOH B 2 .  ? -6.58446  -10.00671 -6.98004  1.000 20.58394 ? 148 HOH A O     1 
HETATM 385 O O     . HOH B 2 .  ? -2.99397  2.12275   4.18044   1.000 30.09620 ? 149 HOH A O     1 
HETATM 386 O O     . HOH B 2 .  ? -9.38352  -1.11660  1.45422   1.000 28.42941 ? 150 HOH A O     1 
HETATM 387 O O     . HOH B 2 .  ? -2.33458  2.40715   12.75271  0.330 19.81393 ? 151 HOH A O     1 
HETATM 388 O O     . HOH B 2 .  ? 0.18590   -19.01653 -9.44851  0.330 15.15953 ? 152 HOH A O     1 
HETATM 389 O O     . HOH B 2 .  ? -7.29695  0.54005   -8.62414  1.000 24.02394 ? 153 HOH A O     1 
HETATM 390 O O     . HOH B 2 .  ? -5.96884  -1.96659  0.92594   1.000 27.34183 ? 154 HOH A O     1 
HETATM 391 O O     . HOH B 2 .  ? 6.31573   4.73041   4.85077   1.000 27.38308 ? 155 HOH A O     1 
HETATM 392 O O     . HOH B 2 .  ? -9.45425  0.47376   9.12711   1.000 31.07774 ? 156 HOH A O     1 
HETATM 393 O O     . HOH B 2 .  ? -4.39924  -21.34481 -1.07544  1.000 19.31355 ? 157 HOH A O     1 
HETATM 394 O O     . HOH B 2 .  ? 2.89081   -20.15200 -3.74923  1.000 14.76465 ? 158 HOH A O     1 
HETATM 395 O O     . HOH B 2 .  ? -1.17986  2.84259   1.43018   1.000 27.24773 ? 159 HOH A O     1 
HETATM 396 O O     . HOH B 2 .  ? -7.69564  4.58776   10.08195  1.000 20.46543 ? 160 HOH A O     1 
HETATM 397 O O     . HOH B 2 .  ? -6.50630  0.28249   3.76343   1.000 20.67722 ? 161 HOH A O     1 
HETATM 398 O O     . HOH B 2 .  ? -11.88662 6.32140   1.28079   1.000 32.89093 ? 162 HOH A O     1 
HETATM 399 O O     . HOH B 2 .  ? 5.54605   17.31063  0.42181   1.000 16.51772 ? 163 HOH A O     1 
HETATM 400 O O     . HOH B 2 .  ? -5.15417  -13.80562 -6.69506  1.000 22.76369 ? 164 HOH A O     1 
HETATM 401 O O     . HOH B 2 .  ? -5.40610  -24.76658 0.52157   1.000 26.35899 ? 165 HOH A O     1 
HETATM 402 O O     . HOH B 2 .  ? 10.77180  12.44875  8.01595   1.000 24.63848 ? 166 HOH A O     1 
HETATM 403 O O     . HOH B 2 .  ? 6.65471   9.83779   -1.58593  1.000 21.80250 ? 167 HOH A O     1 
HETATM 404 O O     . HOH B 2 .  ? 6.22718   9.24084   -5.69789  1.000 25.34884 ? 168 HOH A O     1 
HETATM 405 O O     . HOH B 2 .  ? 12.85688  5.01205   -2.22423  1.000 29.74760 ? 169 HOH A O     1 
HETATM 406 O O     . HOH B 2 .  ? -8.96486  -2.03127  5.53362   1.000 33.21714 ? 170 HOH A O     1 
HETATM 407 O O     . HOH B 2 .  ? 1.88032   -9.09629  -7.75036  1.000 31.17950 ? 171 HOH A O     1 
HETATM 408 O O     . HOH B 2 .  ? -6.12049  -16.13051 -2.87281  1.000 16.91289 ? 172 HOH A O     1 
HETATM 409 O O     . HOH B 2 .  ? -7.68985  8.82153   4.85472   1.000 28.41898 ? 173 HOH A O     1 
HETATM 410 O O     . HOH B 2 .  ? 6.40791   -0.05657  8.09436   1.000 32.86020 ? 174 HOH A O     1 
HETATM 411 O O     . HOH B 2 .  ? -6.26831  -9.68431  -3.87232  1.000 21.87348 ? 175 HOH A O     1 
HETATM 412 O O     . HOH B 2 .  ? -5.68018  -24.86355 3.49902   1.000 26.09322 ? 176 HOH A O     1 
HETATM 413 O O     . HOH B 2 .  ? 4.97462   8.58693   1.55627   1.000 30.04060 ? 177 HOH A O     1 
HETATM 414 O O     . HOH B 2 .  ? 14.92852  10.22477  4.84697   1.000 27.30817 ? 178 HOH A O     1 
HETATM 415 O O     . HOH B 2 .  ? -1.46812  -26.55994 -0.31225  1.000 35.32312 ? 179 HOH A O     1 
HETATM 416 O O     . HOH B 2 .  ? -0.53872  9.52472   11.42875  1.000 26.85915 ? 180 HOH A O     1 
HETATM 417 O O     . HOH B 2 .  ? -3.78314  -0.64286  10.50385  1.000 31.55490 ? 181 HOH A O     1 
HETATM 418 O O     . HOH B 2 .  ? -9.40915  6.95633   -2.00671  1.000 32.28331 ? 182 HOH A O     1 
HETATM 419 O O     . HOH B 2 .  ? -0.30495  1.81860   4.59481   1.000 30.81869 ? 183 HOH A O     1 
HETATM 420 O O     . HOH B 2 .  ? -1.74981  -21.41784 -7.77980  1.000 29.79767 ? 184 HOH A O     1 
HETATM 421 O O     . HOH B 2 .  ? -4.74567  -1.32802  2.93748   1.000 41.35891 ? 185 HOH A O     1 
HETATM 422 O O     . HOH B 2 .  ? -6.05038  -2.52749  4.38017   1.000 29.22168 ? 186 HOH A O     1 
HETATM 423 O O     . HOH B 2 .  ? 5.83976   6.97927   -5.71127  1.000 31.07753 ? 187 HOH A O     1 
HETATM 424 O O     . HOH B 2 .  ? 3.76299   9.78477   -5.10026  1.000 31.88016 ? 188 HOH A O     1 
# 
